data_2LO2
#
_entry.id   2LO2
#
loop_
_entity.id
_entity.type
_entity.pdbx_description
1 polymer 'SAGA-associated factor 11'
2 non-polymer 'ZINC ION'
#
_entity_poly.entity_id   1
_entity_poly.type   'polypeptide(L)'
_entity_poly.pdbx_seq_one_letter_code
;GKQQESSQYIHCENCGRDVSANRLAAHLQRCLSRGARR
;
_entity_poly.pdbx_strand_id   A
#
loop_
_chem_comp.id
_chem_comp.type
_chem_comp.name
_chem_comp.formula
ZN non-polymer 'ZINC ION' 'Zn 2'
#
# COMPACT_ATOMS: atom_id res chain seq x y z
N GLY A 1 -10.35 22.63 -0.96
CA GLY A 1 -9.80 21.49 -0.25
C GLY A 1 -9.13 21.91 1.02
N LYS A 2 -9.22 21.08 2.04
CA LYS A 2 -8.59 21.35 3.31
C LYS A 2 -8.38 20.06 4.07
N GLN A 3 -9.44 19.26 4.19
CA GLN A 3 -9.38 17.99 4.94
C GLN A 3 -8.90 16.84 4.04
N GLN A 4 -8.65 17.15 2.81
CA GLN A 4 -8.21 16.17 1.85
C GLN A 4 -6.73 15.92 2.00
N GLU A 5 -6.38 14.90 2.72
CA GLU A 5 -4.99 14.52 2.87
C GLU A 5 -4.54 13.87 1.58
N SER A 6 -3.36 14.17 1.16
CA SER A 6 -2.80 13.49 0.05
C SER A 6 -2.17 12.19 0.53
N SER A 7 -3.01 11.19 0.67
CA SER A 7 -2.58 9.90 1.10
C SER A 7 -1.84 9.20 -0.06
N GLN A 8 -2.28 9.54 -1.29
CA GLN A 8 -1.68 9.11 -2.57
C GLN A 8 -1.64 7.60 -2.68
N TYR A 9 -2.51 7.01 -3.43
CA TYR A 9 -2.46 5.58 -3.53
C TYR A 9 -1.50 5.17 -4.63
N ILE A 10 -0.54 4.36 -4.28
CA ILE A 10 0.45 3.87 -5.20
C ILE A 10 0.37 2.37 -5.20
N HIS A 11 1.02 1.79 -6.14
CA HIS A 11 0.98 0.37 -6.32
C HIS A 11 1.99 -0.30 -5.40
N CYS A 12 1.49 -1.05 -4.45
CA CYS A 12 2.31 -1.84 -3.59
C CYS A 12 2.82 -2.98 -4.41
N GLU A 13 4.05 -3.29 -4.24
CA GLU A 13 4.70 -4.34 -4.99
C GLU A 13 4.66 -5.60 -4.18
N ASN A 14 4.27 -5.44 -2.95
CA ASN A 14 4.25 -6.53 -2.01
C ASN A 14 2.98 -7.35 -2.10
N CYS A 15 1.85 -6.72 -2.33
CA CYS A 15 0.60 -7.47 -2.56
C CYS A 15 -0.03 -7.07 -3.89
N GLY A 16 0.57 -6.09 -4.56
CA GLY A 16 0.04 -5.58 -5.81
C GLY A 16 -1.22 -4.76 -5.60
N ARG A 17 -1.26 -4.01 -4.53
CA ARG A 17 -2.45 -3.27 -4.19
C ARG A 17 -2.23 -1.75 -4.15
N ASP A 18 -3.24 -1.05 -4.58
CA ASP A 18 -3.37 0.40 -4.52
C ASP A 18 -3.51 0.80 -3.08
N VAL A 19 -2.46 1.29 -2.52
CA VAL A 19 -2.42 1.67 -1.12
C VAL A 19 -1.78 3.04 -0.97
N SER A 20 -2.15 3.79 0.06
CA SER A 20 -1.62 5.11 0.29
C SER A 20 -0.11 5.03 0.52
N ALA A 21 0.63 5.80 -0.24
CA ALA A 21 2.08 5.88 -0.15
C ALA A 21 2.45 6.44 1.21
N ASN A 22 1.53 7.17 1.76
CA ASN A 22 1.68 7.81 3.07
C ASN A 22 1.48 6.78 4.20
N ARG A 23 1.04 5.60 3.81
CA ARG A 23 0.74 4.53 4.77
C ARG A 23 1.39 3.24 4.33
N LEU A 24 2.23 3.33 3.31
CA LEU A 24 2.77 2.14 2.64
C LEU A 24 3.67 1.36 3.58
N ALA A 25 4.41 2.06 4.40
CA ALA A 25 5.29 1.42 5.36
C ALA A 25 4.52 0.62 6.43
N ALA A 26 3.52 1.23 7.05
CA ALA A 26 2.69 0.55 8.07
C ALA A 26 1.96 -0.60 7.40
N HIS A 27 1.51 -0.31 6.20
CA HIS A 27 0.87 -1.26 5.36
C HIS A 27 1.81 -2.41 5.12
N LEU A 28 3.07 -2.11 4.84
CA LEU A 28 4.06 -3.11 4.57
C LEU A 28 4.29 -3.99 5.75
N GLN A 29 4.22 -3.42 6.92
CA GLN A 29 4.32 -4.21 8.13
C GLN A 29 3.21 -5.27 8.13
N ARG A 30 1.98 -4.83 7.86
CA ARG A 30 0.84 -5.75 7.80
C ARG A 30 0.97 -6.67 6.59
N CYS A 31 1.37 -6.10 5.49
CA CYS A 31 1.51 -6.76 4.20
C CYS A 31 2.54 -7.87 4.25
N LEU A 32 3.69 -7.58 4.81
CA LEU A 32 4.79 -8.53 4.87
C LEU A 32 4.47 -9.59 5.92
N SER A 33 3.80 -9.17 7.00
CA SER A 33 3.35 -10.09 8.04
C SER A 33 2.37 -11.13 7.43
N ARG A 34 1.42 -10.65 6.65
CA ARG A 34 0.42 -11.49 6.01
C ARG A 34 0.98 -12.25 4.82
N GLY A 35 1.86 -11.61 4.11
CA GLY A 35 2.42 -12.17 2.91
C GLY A 35 3.60 -13.07 3.16
N ALA A 36 3.45 -13.97 4.08
CA ALA A 36 4.46 -14.95 4.34
C ALA A 36 4.24 -16.07 3.34
N ARG A 37 4.90 -15.97 2.23
CA ARG A 37 4.70 -16.91 1.16
C ARG A 37 5.63 -18.08 1.33
N ARG A 38 5.11 -19.25 1.10
CA ARG A 38 5.86 -20.45 1.21
C ARG A 38 5.58 -21.28 -0.02
ZN ZN B . 0.86 -4.57 0.13
N GLY A 1 -2.00 14.58 -3.65
CA GLY A 1 -2.14 15.92 -4.24
C GLY A 1 -2.78 16.88 -3.27
N LYS A 2 -4.07 17.06 -3.35
CA LYS A 2 -4.78 17.91 -2.43
C LYS A 2 -5.16 17.11 -1.21
N GLN A 3 -4.51 17.43 -0.10
CA GLN A 3 -4.70 16.78 1.19
C GLN A 3 -4.21 15.33 1.16
N GLN A 4 -4.52 14.59 2.19
CA GLN A 4 -4.06 13.22 2.30
C GLN A 4 -4.98 12.27 1.58
N GLU A 5 -4.47 11.08 1.28
CA GLU A 5 -5.17 9.96 0.61
C GLU A 5 -5.42 10.23 -0.87
N SER A 6 -5.91 11.41 -1.16
CA SER A 6 -6.24 11.83 -2.48
C SER A 6 -4.98 11.87 -3.36
N SER A 7 -4.93 10.95 -4.33
CA SER A 7 -3.87 10.81 -5.31
C SER A 7 -2.56 10.34 -4.64
N GLN A 8 -2.67 9.83 -3.41
CA GLN A 8 -1.49 9.37 -2.69
C GLN A 8 -1.33 7.87 -2.76
N TYR A 9 -2.22 7.19 -3.44
CA TYR A 9 -2.11 5.74 -3.50
C TYR A 9 -1.21 5.33 -4.64
N ILE A 10 -0.38 4.34 -4.39
CA ILE A 10 0.52 3.81 -5.37
C ILE A 10 0.39 2.31 -5.37
N HIS A 11 0.93 1.70 -6.37
CA HIS A 11 0.91 0.28 -6.52
C HIS A 11 1.86 -0.38 -5.52
N CYS A 12 1.32 -1.14 -4.59
CA CYS A 12 2.11 -1.90 -3.68
C CYS A 12 2.72 -3.01 -4.46
N GLU A 13 3.97 -3.15 -4.32
CA GLU A 13 4.78 -4.12 -5.05
C GLU A 13 4.76 -5.42 -4.27
N ASN A 14 4.20 -5.34 -3.10
CA ASN A 14 4.18 -6.43 -2.19
C ASN A 14 2.89 -7.21 -2.21
N CYS A 15 1.84 -6.65 -2.78
CA CYS A 15 0.59 -7.41 -2.98
C CYS A 15 -0.15 -6.96 -4.22
N GLY A 16 0.44 -6.02 -4.96
CA GLY A 16 -0.20 -5.48 -6.15
C GLY A 16 -1.45 -4.71 -5.82
N ARG A 17 -1.42 -4.00 -4.72
CA ARG A 17 -2.61 -3.31 -4.26
C ARG A 17 -2.39 -1.81 -4.20
N ASP A 18 -3.43 -1.07 -4.43
CA ASP A 18 -3.42 0.38 -4.42
C ASP A 18 -3.51 0.84 -3.00
N VAL A 19 -2.42 1.29 -2.50
CA VAL A 19 -2.32 1.68 -1.10
C VAL A 19 -1.65 3.05 -1.00
N SER A 20 -2.07 3.85 -0.02
CA SER A 20 -1.55 5.18 0.22
C SER A 20 -0.04 5.09 0.48
N ALA A 21 0.74 5.86 -0.27
CA ALA A 21 2.21 5.88 -0.17
C ALA A 21 2.65 6.28 1.21
N ASN A 22 1.87 7.11 1.83
CA ASN A 22 2.22 7.63 3.15
C ASN A 22 1.96 6.56 4.23
N ARG A 23 1.00 5.71 3.96
CA ARG A 23 0.58 4.66 4.89
C ARG A 23 1.17 3.31 4.46
N LEU A 24 1.97 3.35 3.40
CA LEU A 24 2.50 2.13 2.78
C LEU A 24 3.40 1.39 3.75
N ALA A 25 4.13 2.13 4.56
CA ALA A 25 5.00 1.55 5.58
C ALA A 25 4.23 0.64 6.54
N ALA A 26 3.17 1.16 7.15
CA ALA A 26 2.36 0.41 8.11
C ALA A 26 1.70 -0.75 7.39
N HIS A 27 1.27 -0.46 6.17
CA HIS A 27 0.70 -1.44 5.32
C HIS A 27 1.70 -2.55 5.07
N LEU A 28 2.94 -2.21 4.77
CA LEU A 28 3.98 -3.17 4.47
C LEU A 28 4.33 -3.99 5.68
N GLN A 29 4.16 -3.40 6.84
CA GLN A 29 4.36 -4.14 8.04
C GLN A 29 3.33 -5.25 8.10
N ARG A 30 2.10 -4.92 7.79
CA ARG A 30 1.02 -5.90 7.82
C ARG A 30 1.11 -6.83 6.60
N CYS A 31 1.46 -6.25 5.47
CA CYS A 31 1.61 -6.95 4.20
C CYS A 31 2.69 -8.03 4.32
N LEU A 32 3.75 -7.74 5.07
CA LEU A 32 4.87 -8.66 5.22
C LEU A 32 4.89 -9.41 6.54
N SER A 33 4.00 -9.05 7.46
CA SER A 33 3.83 -9.82 8.71
C SER A 33 2.95 -11.04 8.42
N ARG A 34 2.59 -11.17 7.17
CA ARG A 34 1.77 -12.22 6.64
C ARG A 34 2.47 -12.77 5.41
N GLY A 35 2.04 -13.90 4.93
CA GLY A 35 2.64 -14.47 3.76
C GLY A 35 2.68 -15.97 3.84
N ALA A 36 3.79 -16.50 4.34
CA ALA A 36 3.97 -17.95 4.50
C ALA A 36 2.89 -18.52 5.41
N ARG A 37 2.74 -17.90 6.54
CA ARG A 37 1.74 -18.24 7.53
C ARG A 37 1.64 -17.05 8.43
N ARG A 38 2.78 -16.66 8.92
CA ARG A 38 2.92 -15.45 9.67
C ARG A 38 4.04 -14.68 9.00
ZN ZN B . 0.78 -4.72 0.08
N GLY A 1 -8.20 16.91 9.30
CA GLY A 1 -8.14 16.10 8.08
C GLY A 1 -8.94 16.74 7.00
N LYS A 2 -8.98 16.12 5.83
CA LYS A 2 -9.79 16.61 4.74
C LYS A 2 -10.04 15.50 3.74
N GLN A 3 -11.06 15.68 2.91
CA GLN A 3 -11.45 14.70 1.90
C GLN A 3 -10.43 14.60 0.77
N GLN A 4 -9.73 15.68 0.52
CA GLN A 4 -8.70 15.69 -0.50
C GLN A 4 -7.38 15.16 0.04
N GLU A 5 -6.59 14.56 -0.87
CA GLU A 5 -5.28 13.92 -0.60
C GLU A 5 -5.46 12.55 0.01
N SER A 6 -6.67 12.06 -0.05
CA SER A 6 -6.98 10.72 0.38
C SER A 6 -6.61 9.77 -0.74
N SER A 7 -6.73 10.28 -1.96
CA SER A 7 -6.36 9.56 -3.11
C SER A 7 -4.91 9.86 -3.41
N GLN A 8 -4.07 9.27 -2.61
CA GLN A 8 -2.66 9.38 -2.73
C GLN A 8 -2.12 7.99 -2.58
N TYR A 9 -2.45 7.18 -3.52
CA TYR A 9 -2.13 5.80 -3.48
C TYR A 9 -0.96 5.50 -4.39
N ILE A 10 -0.23 4.50 -4.03
CA ILE A 10 0.87 4.03 -4.78
C ILE A 10 0.66 2.53 -4.89
N HIS A 11 1.13 1.91 -5.93
CA HIS A 11 0.95 0.49 -6.03
C HIS A 11 1.99 -0.22 -5.17
N CYS A 12 1.52 -1.10 -4.37
CA CYS A 12 2.34 -1.94 -3.57
C CYS A 12 2.78 -3.05 -4.49
N GLU A 13 3.98 -3.48 -4.39
CA GLU A 13 4.45 -4.57 -5.21
C GLU A 13 4.38 -5.82 -4.37
N ASN A 14 4.12 -5.61 -3.11
CA ASN A 14 4.07 -6.66 -2.12
C ASN A 14 2.72 -7.37 -2.09
N CYS A 15 1.70 -6.72 -2.60
CA CYS A 15 0.42 -7.37 -2.81
C CYS A 15 -0.20 -6.91 -4.12
N GLY A 16 0.55 -6.08 -4.85
CA GLY A 16 0.08 -5.52 -6.11
C GLY A 16 -1.17 -4.69 -5.93
N ARG A 17 -1.22 -3.96 -4.84
CA ARG A 17 -2.41 -3.25 -4.51
C ARG A 17 -2.16 -1.74 -4.41
N ASP A 18 -3.12 -0.99 -4.86
CA ASP A 18 -3.15 0.46 -4.83
C ASP A 18 -3.47 0.89 -3.41
N VAL A 19 -2.47 1.27 -2.70
CA VAL A 19 -2.61 1.62 -1.27
C VAL A 19 -1.95 2.98 -1.00
N SER A 20 -2.43 3.70 0.03
CA SER A 20 -1.95 5.04 0.34
C SER A 20 -0.45 5.06 0.52
N ALA A 21 0.20 5.95 -0.20
CA ALA A 21 1.64 6.08 -0.21
C ALA A 21 2.18 6.46 1.16
N ASN A 22 1.36 7.14 1.93
CA ASN A 22 1.75 7.59 3.27
C ASN A 22 1.57 6.48 4.29
N ARG A 23 0.75 5.52 3.94
CA ARG A 23 0.41 4.43 4.84
C ARG A 23 1.08 3.14 4.39
N LEU A 24 1.90 3.25 3.35
CA LEU A 24 2.47 2.08 2.68
C LEU A 24 3.51 1.38 3.56
N ALA A 25 4.29 2.14 4.28
CA ALA A 25 5.32 1.58 5.17
C ALA A 25 4.69 0.69 6.26
N ALA A 26 3.69 1.25 6.95
CA ALA A 26 2.95 0.53 7.97
C ALA A 26 2.21 -0.63 7.33
N HIS A 27 1.73 -0.36 6.13
CA HIS A 27 1.07 -1.33 5.31
C HIS A 27 2.01 -2.47 5.05
N LEU A 28 3.26 -2.19 4.73
CA LEU A 28 4.21 -3.24 4.44
C LEU A 28 4.47 -4.06 5.64
N GLN A 29 4.48 -3.42 6.79
CA GLN A 29 4.65 -4.17 8.04
C GLN A 29 3.51 -5.19 8.16
N ARG A 30 2.32 -4.75 7.82
CA ARG A 30 1.14 -5.59 7.86
C ARG A 30 1.14 -6.59 6.71
N CYS A 31 1.47 -6.10 5.53
CA CYS A 31 1.52 -6.85 4.28
C CYS A 31 2.47 -8.05 4.43
N LEU A 32 3.63 -7.78 5.01
CA LEU A 32 4.64 -8.79 5.19
C LEU A 32 4.26 -9.72 6.36
N SER A 33 3.82 -9.13 7.49
CA SER A 33 3.45 -9.91 8.68
C SER A 33 2.27 -10.87 8.42
N ARG A 34 1.44 -10.55 7.45
CA ARG A 34 0.32 -11.40 7.11
C ARG A 34 0.69 -12.44 6.07
N GLY A 35 1.82 -12.21 5.39
CA GLY A 35 2.30 -13.13 4.37
C GLY A 35 1.33 -13.28 3.21
N ALA A 36 0.57 -12.24 2.98
CA ALA A 36 -0.45 -12.25 1.97
C ALA A 36 -0.07 -11.29 0.88
N ARG A 37 0.20 -11.82 -0.29
CA ARG A 37 0.58 -10.98 -1.42
C ARG A 37 -0.63 -10.74 -2.31
N ARG A 38 -1.74 -11.24 -1.83
CA ARG A 38 -3.09 -11.07 -2.35
C ARG A 38 -3.91 -12.11 -1.64
ZN ZN B . 0.82 -4.68 0.12
N GLY A 1 6.50 7.42 -18.41
CA GLY A 1 6.23 8.83 -18.23
C GLY A 1 5.17 9.02 -17.22
N LYS A 2 4.30 9.98 -17.45
CA LYS A 2 3.19 10.22 -16.57
C LYS A 2 2.02 9.39 -17.03
N GLN A 3 1.79 8.32 -16.32
CA GLN A 3 0.78 7.35 -16.65
C GLN A 3 0.49 6.59 -15.36
N GLN A 4 0.46 7.33 -14.28
CA GLN A 4 0.32 6.73 -12.97
C GLN A 4 -1.13 6.42 -12.64
N GLU A 5 -1.29 5.66 -11.62
CA GLU A 5 -2.54 5.36 -11.05
C GLU A 5 -2.63 6.08 -9.73
N SER A 6 -3.79 6.68 -9.47
CA SER A 6 -4.07 7.39 -8.24
C SER A 6 -3.12 8.62 -8.04
N SER A 7 -3.04 9.10 -6.82
CA SER A 7 -2.16 10.18 -6.47
C SER A 7 -1.62 9.97 -5.03
N GLN A 8 -2.52 9.70 -4.10
CA GLN A 8 -2.10 9.44 -2.73
C GLN A 8 -1.90 7.97 -2.51
N TYR A 9 -2.19 7.21 -3.50
CA TYR A 9 -2.01 5.80 -3.43
C TYR A 9 -0.97 5.44 -4.45
N ILE A 10 -0.25 4.42 -4.18
CA ILE A 10 0.76 3.98 -5.05
C ILE A 10 0.67 2.44 -5.10
N HIS A 11 1.25 1.86 -6.10
CA HIS A 11 1.20 0.43 -6.29
C HIS A 11 2.11 -0.29 -5.29
N CYS A 12 1.52 -1.10 -4.45
CA CYS A 12 2.23 -1.94 -3.54
C CYS A 12 2.79 -3.08 -4.34
N GLU A 13 4.01 -3.38 -4.10
CA GLU A 13 4.71 -4.45 -4.80
C GLU A 13 4.44 -5.75 -4.11
N ASN A 14 3.95 -5.62 -2.92
CA ASN A 14 3.78 -6.74 -2.04
C ASN A 14 2.47 -7.48 -2.23
N CYS A 15 1.39 -6.75 -2.39
CA CYS A 15 0.13 -7.39 -2.72
C CYS A 15 -0.39 -6.91 -4.07
N GLY A 16 0.43 -6.11 -4.76
CA GLY A 16 0.05 -5.55 -6.05
C GLY A 16 -1.18 -4.68 -5.94
N ARG A 17 -1.27 -3.94 -4.88
CA ARG A 17 -2.47 -3.22 -4.57
C ARG A 17 -2.21 -1.72 -4.50
N ASP A 18 -3.23 -0.96 -4.76
CA ASP A 18 -3.23 0.50 -4.73
C ASP A 18 -3.41 0.93 -3.30
N VAL A 19 -2.34 1.25 -2.64
CA VAL A 19 -2.40 1.59 -1.24
C VAL A 19 -1.73 2.95 -1.01
N SER A 20 -2.25 3.69 -0.03
CA SER A 20 -1.76 5.02 0.34
C SER A 20 -0.25 5.05 0.44
N ALA A 21 0.33 6.00 -0.24
CA ALA A 21 1.77 6.19 -0.32
C ALA A 21 2.34 6.41 1.08
N ASN A 22 1.68 7.25 1.81
CA ASN A 22 2.08 7.63 3.17
C ASN A 22 1.87 6.50 4.17
N ARG A 23 0.90 5.66 3.91
CA ARG A 23 0.54 4.61 4.83
C ARG A 23 1.09 3.24 4.40
N LEU A 24 1.78 3.24 3.27
CA LEU A 24 2.30 2.01 2.69
C LEU A 24 3.38 1.36 3.55
N ALA A 25 4.00 2.13 4.44
CA ALA A 25 5.03 1.59 5.34
C ALA A 25 4.39 0.68 6.41
N ALA A 26 3.38 1.21 7.11
CA ALA A 26 2.66 0.43 8.14
C ALA A 26 1.90 -0.71 7.47
N HIS A 27 1.38 -0.39 6.29
CA HIS A 27 0.72 -1.37 5.47
C HIS A 27 1.69 -2.48 5.18
N LEU A 28 2.90 -2.13 4.79
CA LEU A 28 3.92 -3.08 4.46
C LEU A 28 4.26 -3.92 5.64
N GLN A 29 4.27 -3.32 6.81
CA GLN A 29 4.54 -4.08 8.00
C GLN A 29 3.51 -5.20 8.14
N ARG A 30 2.24 -4.87 7.89
CA ARG A 30 1.20 -5.89 8.01
C ARG A 30 1.23 -6.82 6.78
N CYS A 31 1.35 -6.22 5.60
CA CYS A 31 1.42 -6.93 4.31
C CYS A 31 2.55 -7.98 4.32
N LEU A 32 3.69 -7.62 4.88
CA LEU A 32 4.85 -8.48 4.90
C LEU A 32 4.72 -9.52 6.03
N SER A 33 4.24 -9.09 7.20
CA SER A 33 4.16 -10.00 8.35
C SER A 33 3.20 -11.17 8.15
N ARG A 34 1.99 -10.87 7.71
CA ARG A 34 0.98 -11.91 7.63
C ARG A 34 0.03 -11.76 6.45
N GLY A 35 0.53 -11.17 5.39
CA GLY A 35 -0.27 -11.03 4.18
C GLY A 35 -0.38 -12.35 3.43
N ALA A 36 0.58 -13.23 3.65
CA ALA A 36 0.58 -14.52 3.00
C ALA A 36 0.27 -15.63 4.02
N ARG A 37 -0.98 -15.77 4.32
CA ARG A 37 -1.42 -16.76 5.26
C ARG A 37 -2.21 -17.84 4.52
N ARG A 38 -3.30 -17.44 3.91
CA ARG A 38 -4.14 -18.35 3.15
C ARG A 38 -4.49 -17.66 1.84
ZN ZN B . 0.46 -4.67 0.18
N GLY A 1 -2.56 26.22 -10.82
CA GLY A 1 -1.27 26.01 -10.18
C GLY A 1 -0.63 24.74 -10.64
N LYS A 2 -0.60 23.77 -9.79
CA LYS A 2 -0.04 22.48 -10.10
C LYS A 2 -1.11 21.44 -10.01
N GLN A 3 -1.06 20.45 -10.89
CA GLN A 3 -1.98 19.36 -10.81
C GLN A 3 -1.60 18.48 -9.64
N GLN A 4 -2.57 18.01 -8.94
CA GLN A 4 -2.34 17.20 -7.79
C GLN A 4 -2.79 15.80 -8.08
N GLU A 5 -2.03 14.83 -7.61
CA GLU A 5 -2.29 13.42 -7.91
C GLU A 5 -3.64 12.96 -7.41
N SER A 6 -4.12 13.65 -6.35
CA SER A 6 -5.46 13.46 -5.76
C SER A 6 -5.56 12.14 -4.96
N SER A 7 -5.10 11.07 -5.55
CA SER A 7 -4.99 9.83 -4.89
C SER A 7 -3.53 9.61 -4.54
N GLN A 8 -3.23 9.54 -3.26
CA GLN A 8 -1.86 9.35 -2.76
C GLN A 8 -1.49 7.87 -2.74
N TYR A 9 -2.27 7.08 -3.43
CA TYR A 9 -2.11 5.65 -3.46
C TYR A 9 -1.20 5.25 -4.61
N ILE A 10 -0.34 4.31 -4.36
CA ILE A 10 0.52 3.76 -5.39
C ILE A 10 0.42 2.26 -5.29
N HIS A 11 0.87 1.58 -6.28
CA HIS A 11 0.81 0.15 -6.25
C HIS A 11 1.78 -0.42 -5.22
N CYS A 12 1.25 -1.16 -4.31
CA CYS A 12 2.05 -1.88 -3.38
C CYS A 12 2.70 -2.99 -4.13
N GLU A 13 3.96 -3.11 -4.00
CA GLU A 13 4.72 -4.12 -4.72
C GLU A 13 4.61 -5.45 -4.01
N ASN A 14 4.04 -5.41 -2.84
CA ASN A 14 3.99 -6.55 -1.96
C ASN A 14 2.64 -7.26 -1.96
N CYS A 15 1.65 -6.65 -2.58
CA CYS A 15 0.36 -7.33 -2.82
C CYS A 15 -0.29 -6.81 -4.10
N GLY A 16 0.45 -5.96 -4.84
CA GLY A 16 -0.06 -5.39 -6.08
C GLY A 16 -1.29 -4.54 -5.87
N ARG A 17 -1.32 -3.83 -4.77
CA ARG A 17 -2.53 -3.12 -4.39
C ARG A 17 -2.31 -1.62 -4.26
N ASP A 18 -3.25 -0.88 -4.79
CA ASP A 18 -3.33 0.57 -4.71
C ASP A 18 -3.47 1.00 -3.26
N VAL A 19 -2.39 1.39 -2.68
CA VAL A 19 -2.35 1.81 -1.28
C VAL A 19 -1.54 3.10 -1.15
N SER A 20 -2.03 4.03 -0.33
CA SER A 20 -1.39 5.31 -0.06
C SER A 20 0.08 5.16 0.27
N ALA A 21 0.90 5.97 -0.38
CA ALA A 21 2.35 5.99 -0.15
C ALA A 21 2.67 6.29 1.30
N ASN A 22 1.79 7.05 1.90
CA ASN A 22 1.93 7.46 3.31
C ASN A 22 1.54 6.30 4.24
N ARG A 23 0.73 5.42 3.74
CA ARG A 23 0.18 4.33 4.51
C ARG A 23 0.94 3.05 4.23
N LEU A 24 1.71 3.07 3.13
CA LEU A 24 2.43 1.92 2.61
C LEU A 24 3.38 1.33 3.64
N ALA A 25 4.00 2.18 4.43
CA ALA A 25 4.96 1.76 5.46
C ALA A 25 4.33 0.75 6.47
N ALA A 26 3.33 1.21 7.22
CA ALA A 26 2.68 0.35 8.21
C ALA A 26 1.94 -0.76 7.52
N HIS A 27 1.40 -0.43 6.35
CA HIS A 27 0.75 -1.39 5.50
C HIS A 27 1.71 -2.51 5.20
N LEU A 28 2.94 -2.17 4.86
CA LEU A 28 3.93 -3.16 4.51
C LEU A 28 4.32 -3.97 5.68
N GLN A 29 4.29 -3.36 6.85
CA GLN A 29 4.58 -4.11 8.06
C GLN A 29 3.56 -5.24 8.18
N ARG A 30 2.31 -4.93 7.91
CA ARG A 30 1.28 -5.94 7.96
C ARG A 30 1.30 -6.83 6.71
N CYS A 31 1.56 -6.22 5.57
CA CYS A 31 1.61 -6.88 4.27
C CYS A 31 2.73 -7.93 4.23
N LEU A 32 3.79 -7.67 4.96
CA LEU A 32 4.91 -8.57 5.02
C LEU A 32 4.64 -9.62 6.10
N SER A 33 4.19 -9.16 7.29
CA SER A 33 3.90 -10.04 8.41
C SER A 33 2.80 -11.06 8.03
N ARG A 34 1.84 -10.62 7.26
CA ARG A 34 0.76 -11.48 6.80
C ARG A 34 0.95 -11.86 5.35
N GLY A 35 2.13 -11.63 4.83
CA GLY A 35 2.45 -12.04 3.50
C GLY A 35 2.96 -13.45 3.52
N ALA A 36 3.98 -13.65 4.31
CA ALA A 36 4.51 -14.96 4.53
C ALA A 36 3.90 -15.47 5.81
N ARG A 37 2.98 -16.39 5.68
CA ARG A 37 2.24 -16.88 6.82
C ARG A 37 2.48 -18.34 7.03
N ARG A 38 2.05 -18.81 8.17
CA ARG A 38 2.10 -20.20 8.50
C ARG A 38 0.92 -20.46 9.40
ZN ZN B . 0.59 -4.65 0.24
N GLY A 1 -7.81 22.25 -1.44
CA GLY A 1 -8.97 22.49 -2.27
C GLY A 1 -10.01 21.44 -2.03
N LYS A 2 -10.49 20.84 -3.10
CA LYS A 2 -11.49 19.78 -3.00
C LYS A 2 -10.82 18.44 -2.86
N GLN A 3 -9.60 18.34 -3.34
CA GLN A 3 -8.91 17.09 -3.29
C GLN A 3 -8.35 16.78 -1.93
N GLN A 4 -9.23 16.30 -1.09
CA GLN A 4 -8.90 15.74 0.20
C GLN A 4 -8.76 14.24 -0.03
N GLU A 5 -9.40 13.83 -1.10
CA GLU A 5 -9.38 12.48 -1.62
C GLU A 5 -8.30 12.49 -2.71
N SER A 6 -7.12 12.86 -2.30
CA SER A 6 -5.98 13.05 -3.17
C SER A 6 -5.48 11.74 -3.78
N SER A 7 -4.79 11.86 -4.89
CA SER A 7 -4.18 10.73 -5.53
C SER A 7 -2.87 10.44 -4.78
N GLN A 8 -2.98 9.72 -3.71
CA GLN A 8 -1.85 9.44 -2.84
C GLN A 8 -1.63 7.96 -2.67
N TYR A 9 -2.21 7.19 -3.53
CA TYR A 9 -2.09 5.77 -3.44
C TYR A 9 -1.17 5.31 -4.54
N ILE A 10 -0.31 4.38 -4.24
CA ILE A 10 0.59 3.86 -5.23
C ILE A 10 0.47 2.37 -5.27
N HIS A 11 1.01 1.79 -6.28
CA HIS A 11 0.92 0.39 -6.49
C HIS A 11 1.91 -0.34 -5.57
N CYS A 12 1.38 -1.05 -4.58
CA CYS A 12 2.20 -1.85 -3.73
C CYS A 12 2.67 -2.99 -4.56
N GLU A 13 3.88 -3.35 -4.42
CA GLU A 13 4.44 -4.38 -5.24
C GLU A 13 4.71 -5.58 -4.40
N ASN A 14 4.15 -5.52 -3.24
CA ASN A 14 4.28 -6.56 -2.28
C ASN A 14 3.02 -7.42 -2.31
N CYS A 15 1.84 -6.79 -2.43
CA CYS A 15 0.58 -7.54 -2.64
C CYS A 15 -0.09 -7.12 -3.95
N GLY A 16 0.49 -6.14 -4.63
CA GLY A 16 -0.08 -5.65 -5.89
C GLY A 16 -1.32 -4.81 -5.67
N ARG A 17 -1.36 -4.09 -4.58
CA ARG A 17 -2.55 -3.35 -4.20
C ARG A 17 -2.27 -1.84 -4.14
N ASP A 18 -3.24 -1.06 -4.53
CA ASP A 18 -3.21 0.37 -4.55
C ASP A 18 -3.45 0.88 -3.15
N VAL A 19 -2.41 1.30 -2.53
CA VAL A 19 -2.48 1.74 -1.13
C VAL A 19 -1.77 3.08 -0.96
N SER A 20 -2.24 3.88 0.00
CA SER A 20 -1.70 5.18 0.35
C SER A 20 -0.18 5.12 0.55
N ALA A 21 0.55 5.94 -0.18
CA ALA A 21 2.02 6.01 -0.11
C ALA A 21 2.47 6.38 1.28
N ASN A 22 1.73 7.27 1.87
CA ASN A 22 2.02 7.77 3.22
C ASN A 22 1.85 6.68 4.26
N ARG A 23 1.04 5.69 3.96
CA ARG A 23 0.72 4.68 4.91
C ARG A 23 1.32 3.34 4.48
N LEU A 24 2.13 3.36 3.43
CA LEU A 24 2.63 2.14 2.80
C LEU A 24 3.54 1.38 3.76
N ALA A 25 4.31 2.09 4.55
CA ALA A 25 5.18 1.47 5.57
C ALA A 25 4.37 0.58 6.55
N ALA A 26 3.33 1.15 7.17
CA ALA A 26 2.46 0.41 8.10
C ALA A 26 1.76 -0.69 7.34
N HIS A 27 1.40 -0.36 6.11
CA HIS A 27 0.81 -1.32 5.22
C HIS A 27 1.77 -2.47 5.00
N LEU A 28 3.03 -2.19 4.76
CA LEU A 28 4.03 -3.19 4.51
C LEU A 28 4.23 -4.06 5.72
N GLN A 29 4.04 -3.49 6.88
CA GLN A 29 4.07 -4.28 8.09
C GLN A 29 2.94 -5.30 8.03
N ARG A 30 1.74 -4.83 7.70
CA ARG A 30 0.56 -5.69 7.56
C ARG A 30 0.67 -6.60 6.35
N CYS A 31 1.36 -6.14 5.35
CA CYS A 31 1.53 -6.86 4.11
C CYS A 31 2.53 -8.03 4.29
N LEU A 32 3.68 -7.73 4.87
CA LEU A 32 4.79 -8.67 4.97
C LEU A 32 4.93 -9.41 6.30
N SER A 33 4.17 -9.05 7.31
CA SER A 33 4.27 -9.78 8.58
C SER A 33 3.38 -11.04 8.53
N ARG A 34 2.74 -11.24 7.41
CA ARG A 34 1.87 -12.36 7.23
C ARG A 34 2.54 -13.34 6.31
N GLY A 35 1.94 -14.48 6.14
CA GLY A 35 2.37 -15.42 5.15
C GLY A 35 1.52 -15.25 3.91
N ALA A 36 0.28 -14.90 4.15
CA ALA A 36 -0.72 -14.63 3.15
C ALA A 36 -1.77 -13.78 3.82
N ARG A 37 -2.79 -13.37 3.08
CA ARG A 37 -3.86 -12.57 3.65
C ARG A 37 -4.55 -13.33 4.79
N ARG A 38 -4.96 -12.62 5.81
CA ARG A 38 -5.57 -13.24 6.95
C ARG A 38 -6.97 -12.69 7.09
ZN ZN B . 0.86 -4.65 0.03
N GLY A 1 -3.42 10.79 -12.04
CA GLY A 1 -3.03 11.68 -13.12
C GLY A 1 -3.26 13.11 -12.72
N LYS A 2 -3.08 14.02 -13.68
CA LYS A 2 -3.21 15.47 -13.47
C LYS A 2 -2.15 15.96 -12.50
N GLN A 3 -0.99 15.28 -12.59
CA GLN A 3 0.17 15.48 -11.73
C GLN A 3 -0.19 15.00 -10.33
N GLN A 4 0.57 15.35 -9.33
CA GLN A 4 0.23 14.96 -7.99
C GLN A 4 -0.74 16.02 -7.46
N GLU A 5 -1.99 15.86 -7.83
CA GLU A 5 -3.03 16.80 -7.51
C GLU A 5 -3.74 16.37 -6.23
N SER A 6 -4.42 15.26 -6.30
CA SER A 6 -5.14 14.72 -5.20
C SER A 6 -5.19 13.20 -5.25
N SER A 7 -4.15 12.60 -4.75
CA SER A 7 -4.03 11.19 -4.66
C SER A 7 -2.96 10.89 -3.64
N GLN A 8 -3.06 9.75 -3.03
CA GLN A 8 -2.08 9.31 -2.07
C GLN A 8 -1.78 7.86 -2.27
N TYR A 9 -2.27 7.28 -3.35
CA TYR A 9 -2.13 5.85 -3.52
C TYR A 9 -1.03 5.53 -4.49
N ILE A 10 -0.40 4.44 -4.27
CA ILE A 10 0.63 3.96 -5.09
C ILE A 10 0.51 2.43 -5.16
N HIS A 11 1.09 1.85 -6.14
CA HIS A 11 1.13 0.43 -6.30
C HIS A 11 2.01 -0.22 -5.24
N CYS A 12 1.42 -0.99 -4.36
CA CYS A 12 2.16 -1.82 -3.47
C CYS A 12 2.73 -2.89 -4.31
N GLU A 13 3.97 -3.10 -4.20
CA GLU A 13 4.70 -4.06 -5.01
C GLU A 13 4.52 -5.42 -4.39
N ASN A 14 4.12 -5.40 -3.16
CA ASN A 14 4.07 -6.57 -2.33
C ASN A 14 2.74 -7.32 -2.40
N CYS A 15 1.63 -6.63 -2.48
CA CYS A 15 0.37 -7.34 -2.75
C CYS A 15 -0.20 -6.91 -4.08
N GLY A 16 0.51 -6.00 -4.76
CA GLY A 16 0.06 -5.48 -6.04
C GLY A 16 -1.18 -4.66 -5.90
N ARG A 17 -1.28 -3.95 -4.82
CA ARG A 17 -2.49 -3.26 -4.49
C ARG A 17 -2.29 -1.75 -4.40
N ASP A 18 -3.30 -1.01 -4.79
CA ASP A 18 -3.34 0.45 -4.74
C ASP A 18 -3.60 0.84 -3.30
N VAL A 19 -2.57 1.25 -2.66
CA VAL A 19 -2.60 1.59 -1.24
C VAL A 19 -1.85 2.91 -1.04
N SER A 20 -2.18 3.63 0.02
CA SER A 20 -1.57 4.91 0.30
C SER A 20 -0.05 4.80 0.44
N ALA A 21 0.64 5.70 -0.23
CA ALA A 21 2.08 5.81 -0.18
C ALA A 21 2.50 6.29 1.19
N ASN A 22 1.64 7.05 1.80
CA ASN A 22 1.87 7.61 3.13
C ASN A 22 1.72 6.51 4.18
N ARG A 23 0.93 5.51 3.85
CA ARG A 23 0.64 4.43 4.77
C ARG A 23 1.28 3.11 4.34
N LEU A 24 2.11 3.17 3.31
CA LEU A 24 2.67 1.97 2.68
C LEU A 24 3.59 1.21 3.63
N ALA A 25 4.37 1.92 4.42
CA ALA A 25 5.29 1.29 5.37
C ALA A 25 4.54 0.45 6.43
N ALA A 26 3.56 1.08 7.08
CA ALA A 26 2.74 0.43 8.08
C ALA A 26 1.95 -0.69 7.42
N HIS A 27 1.53 -0.39 6.20
CA HIS A 27 0.84 -1.33 5.37
C HIS A 27 1.72 -2.53 5.11
N LEU A 28 2.99 -2.30 4.84
CA LEU A 28 3.91 -3.39 4.54
C LEU A 28 4.11 -4.24 5.74
N GLN A 29 4.04 -3.64 6.88
CA GLN A 29 4.10 -4.42 8.09
C GLN A 29 2.88 -5.34 8.16
N ARG A 30 1.72 -4.79 7.82
CA ARG A 30 0.49 -5.58 7.82
C ARG A 30 0.54 -6.62 6.66
N CYS A 31 1.08 -6.17 5.56
CA CYS A 31 1.21 -6.91 4.30
C CYS A 31 2.17 -8.11 4.48
N LEU A 32 3.42 -7.83 4.80
CA LEU A 32 4.46 -8.86 4.84
C LEU A 32 4.80 -9.39 6.23
N SER A 33 4.62 -8.62 7.30
CA SER A 33 5.01 -9.13 8.62
C SER A 33 4.01 -10.21 9.05
N ARG A 34 2.79 -10.15 8.51
CA ARG A 34 1.82 -11.19 8.72
C ARG A 34 2.10 -12.31 7.74
N GLY A 35 2.22 -11.93 6.48
CA GLY A 35 2.57 -12.88 5.48
C GLY A 35 1.67 -12.80 4.28
N ALA A 36 2.21 -13.09 3.16
CA ALA A 36 1.52 -13.10 1.91
C ALA A 36 1.91 -14.36 1.18
N ARG A 37 1.19 -14.72 0.16
CA ARG A 37 1.52 -15.92 -0.58
C ARG A 37 1.71 -15.62 -2.06
N ARG A 38 1.49 -14.39 -2.43
CA ARG A 38 1.65 -13.97 -3.78
C ARG A 38 2.96 -13.23 -3.89
ZN ZN B . 0.62 -4.67 0.18
N GLY A 1 -5.90 23.02 -11.88
CA GLY A 1 -6.79 22.02 -11.27
C GLY A 1 -6.76 22.12 -9.77
N LYS A 2 -5.68 21.61 -9.16
CA LYS A 2 -5.41 21.68 -7.71
C LYS A 2 -6.33 20.77 -6.85
N GLN A 3 -7.57 20.59 -7.26
CA GLN A 3 -8.49 19.77 -6.50
C GLN A 3 -8.26 18.30 -6.80
N GLN A 4 -7.68 17.62 -5.86
CA GLN A 4 -7.33 16.23 -6.03
C GLN A 4 -8.15 15.38 -5.06
N GLU A 5 -8.44 15.96 -3.89
CA GLU A 5 -9.24 15.36 -2.83
C GLU A 5 -8.55 14.17 -2.17
N SER A 6 -8.69 13.00 -2.73
CA SER A 6 -8.11 11.84 -2.11
C SER A 6 -7.44 10.91 -3.12
N SER A 7 -6.19 11.20 -3.41
CA SER A 7 -5.38 10.40 -4.30
C SER A 7 -3.92 10.49 -3.85
N GLN A 8 -3.50 9.52 -3.10
CA GLN A 8 -2.15 9.48 -2.60
C GLN A 8 -1.69 8.03 -2.61
N TYR A 9 -2.30 7.25 -3.43
CA TYR A 9 -2.03 5.84 -3.41
C TYR A 9 -1.04 5.51 -4.51
N ILE A 10 -0.21 4.52 -4.27
CA ILE A 10 0.73 4.02 -5.25
C ILE A 10 0.69 2.50 -5.21
N HIS A 11 1.26 1.89 -6.19
CA HIS A 11 1.18 0.46 -6.35
C HIS A 11 2.14 -0.28 -5.40
N CYS A 12 1.56 -1.08 -4.52
CA CYS A 12 2.29 -1.96 -3.65
C CYS A 12 2.70 -3.13 -4.49
N GLU A 13 3.88 -3.59 -4.36
CA GLU A 13 4.33 -4.73 -5.14
C GLU A 13 4.08 -5.97 -4.33
N ASN A 14 3.86 -5.74 -3.06
CA ASN A 14 3.78 -6.79 -2.09
C ASN A 14 2.46 -7.55 -2.18
N CYS A 15 1.38 -6.82 -2.33
CA CYS A 15 0.10 -7.47 -2.62
C CYS A 15 -0.42 -7.02 -3.98
N GLY A 16 0.37 -6.20 -4.67
CA GLY A 16 -0.03 -5.70 -5.98
C GLY A 16 -1.24 -4.79 -5.91
N ARG A 17 -1.32 -4.03 -4.84
CA ARG A 17 -2.47 -3.22 -4.59
C ARG A 17 -2.12 -1.73 -4.49
N ASP A 18 -3.04 -0.90 -4.88
CA ASP A 18 -2.92 0.54 -4.87
C ASP A 18 -3.14 1.00 -3.46
N VAL A 19 -2.10 1.32 -2.79
CA VAL A 19 -2.19 1.66 -1.40
C VAL A 19 -1.61 3.04 -1.11
N SER A 20 -2.23 3.72 -0.17
CA SER A 20 -1.84 5.02 0.33
C SER A 20 -0.33 5.11 0.59
N ALA A 21 0.32 6.07 -0.06
CA ALA A 21 1.76 6.29 0.01
C ALA A 21 2.22 6.47 1.44
N ASN A 22 1.51 7.29 2.16
CA ASN A 22 1.88 7.60 3.55
C ASN A 22 1.64 6.39 4.44
N ARG A 23 0.77 5.54 4.00
CA ARG A 23 0.33 4.42 4.77
C ARG A 23 1.05 3.15 4.35
N LEU A 24 1.77 3.20 3.23
CA LEU A 24 2.40 2.02 2.65
C LEU A 24 3.51 1.45 3.56
N ALA A 25 4.02 2.26 4.47
CA ALA A 25 5.00 1.81 5.44
C ALA A 25 4.35 0.80 6.41
N ALA A 26 3.38 1.27 7.21
CA ALA A 26 2.68 0.43 8.19
C ALA A 26 1.96 -0.70 7.45
N HIS A 27 1.50 -0.37 6.26
CA HIS A 27 0.88 -1.34 5.38
C HIS A 27 1.85 -2.44 5.11
N LEU A 28 3.07 -2.10 4.77
CA LEU A 28 4.08 -3.09 4.46
C LEU A 28 4.37 -3.93 5.65
N GLN A 29 4.38 -3.35 6.83
CA GLN A 29 4.56 -4.17 8.03
C GLN A 29 3.46 -5.21 8.15
N ARG A 30 2.25 -4.83 7.85
CA ARG A 30 1.15 -5.77 7.90
C ARG A 30 1.18 -6.71 6.69
N CYS A 31 1.42 -6.15 5.54
CA CYS A 31 1.49 -6.85 4.26
C CYS A 31 2.63 -7.89 4.25
N LEU A 32 3.69 -7.64 4.99
CA LEU A 32 4.83 -8.54 4.99
C LEU A 32 4.71 -9.56 6.15
N SER A 33 4.29 -9.13 7.33
CA SER A 33 4.20 -10.04 8.48
C SER A 33 3.01 -11.00 8.37
N ARG A 34 2.09 -10.72 7.48
CA ARG A 34 0.93 -11.56 7.30
C ARG A 34 0.88 -12.07 5.90
N GLY A 35 0.26 -13.20 5.71
CA GLY A 35 0.15 -13.75 4.39
C GLY A 35 1.12 -14.88 4.15
N ALA A 36 2.04 -15.08 5.06
CA ALA A 36 2.98 -16.17 4.94
C ALA A 36 2.28 -17.44 5.36
N ARG A 37 1.78 -17.43 6.56
CA ARG A 37 0.99 -18.52 7.08
C ARG A 37 -0.17 -17.93 7.88
N ARG A 38 0.11 -16.85 8.53
CA ARG A 38 -0.88 -16.11 9.24
C ARG A 38 -0.81 -14.69 8.73
ZN ZN B . 0.52 -4.62 0.11
N GLY A 1 -9.72 5.11 -15.72
CA GLY A 1 -9.80 6.55 -15.49
C GLY A 1 -10.56 6.87 -14.24
N LYS A 2 -11.88 7.07 -14.39
CA LYS A 2 -12.82 7.44 -13.31
C LYS A 2 -12.49 8.83 -12.75
N GLN A 3 -11.48 8.86 -11.94
CA GLN A 3 -10.99 10.03 -11.26
C GLN A 3 -9.73 9.61 -10.57
N GLN A 4 -9.90 8.59 -9.70
CA GLN A 4 -8.85 7.93 -8.87
C GLN A 4 -8.02 8.89 -8.02
N GLU A 5 -7.57 8.38 -6.92
CA GLU A 5 -6.71 9.14 -6.04
C GLU A 5 -5.42 8.36 -5.85
N SER A 6 -5.05 7.70 -6.93
CA SER A 6 -3.86 6.88 -7.02
C SER A 6 -2.58 7.73 -7.19
N SER A 7 -2.64 8.97 -6.75
CA SER A 7 -1.49 9.81 -6.64
C SER A 7 -1.09 9.78 -5.15
N GLN A 8 -2.10 9.63 -4.29
CA GLN A 8 -1.89 9.44 -2.86
C GLN A 8 -1.93 7.98 -2.53
N TYR A 9 -2.23 7.17 -3.50
CA TYR A 9 -2.17 5.74 -3.35
C TYR A 9 -1.14 5.21 -4.30
N ILE A 10 -0.28 4.41 -3.83
CA ILE A 10 0.77 3.89 -4.60
C ILE A 10 0.53 2.40 -4.77
N HIS A 11 1.00 1.83 -5.83
CA HIS A 11 0.82 0.43 -5.99
C HIS A 11 1.88 -0.29 -5.17
N CYS A 12 1.43 -1.13 -4.28
CA CYS A 12 2.27 -1.91 -3.46
C CYS A 12 2.92 -2.96 -4.31
N GLU A 13 4.14 -3.24 -4.05
CA GLU A 13 4.86 -4.28 -4.79
C GLU A 13 4.62 -5.60 -4.12
N ASN A 14 4.15 -5.54 -2.90
CA ASN A 14 4.10 -6.72 -2.08
C ASN A 14 2.82 -7.49 -2.34
N CYS A 15 1.71 -6.78 -2.46
CA CYS A 15 0.45 -7.42 -2.83
C CYS A 15 -0.07 -6.87 -4.15
N GLY A 16 0.73 -5.99 -4.78
CA GLY A 16 0.34 -5.37 -6.07
C GLY A 16 -0.93 -4.54 -5.97
N ARG A 17 -1.11 -3.88 -4.85
CA ARG A 17 -2.37 -3.22 -4.58
C ARG A 17 -2.22 -1.69 -4.36
N ASP A 18 -3.25 -0.95 -4.74
CA ASP A 18 -3.35 0.53 -4.63
C ASP A 18 -3.61 0.91 -3.20
N VAL A 19 -2.58 1.27 -2.52
CA VAL A 19 -2.66 1.60 -1.11
C VAL A 19 -1.97 2.95 -0.86
N SER A 20 -2.50 3.74 0.08
CA SER A 20 -2.02 5.09 0.39
C SER A 20 -0.50 5.14 0.51
N ALA A 21 0.09 6.07 -0.22
CA ALA A 21 1.52 6.24 -0.33
C ALA A 21 2.16 6.44 1.03
N ASN A 22 1.51 7.23 1.86
CA ASN A 22 1.99 7.54 3.21
C ASN A 22 1.88 6.32 4.10
N ARG A 23 0.98 5.45 3.76
CA ARG A 23 0.66 4.32 4.58
C ARG A 23 1.34 3.06 4.10
N LEU A 24 2.06 3.13 2.98
CA LEU A 24 2.66 1.93 2.36
C LEU A 24 3.62 1.27 3.33
N ALA A 25 4.35 2.07 4.08
CA ALA A 25 5.27 1.55 5.09
C ALA A 25 4.55 0.67 6.13
N ALA A 26 3.60 1.25 6.87
CA ALA A 26 2.87 0.50 7.91
C ALA A 26 2.10 -0.64 7.27
N HIS A 27 1.61 -0.36 6.08
CA HIS A 27 0.92 -1.32 5.26
C HIS A 27 1.84 -2.48 5.02
N LEU A 28 3.08 -2.22 4.68
CA LEU A 28 4.04 -3.24 4.37
C LEU A 28 4.35 -4.05 5.57
N GLN A 29 4.40 -3.43 6.72
CA GLN A 29 4.61 -4.20 7.94
C GLN A 29 3.47 -5.20 8.12
N ARG A 30 2.27 -4.76 7.85
CA ARG A 30 1.10 -5.60 7.94
C ARG A 30 1.06 -6.60 6.79
N CYS A 31 1.31 -6.09 5.60
CA CYS A 31 1.33 -6.85 4.34
C CYS A 31 2.33 -8.00 4.43
N LEU A 32 3.46 -7.72 5.03
CA LEU A 32 4.55 -8.67 5.10
C LEU A 32 4.35 -9.63 6.27
N SER A 33 3.83 -9.14 7.39
CA SER A 33 3.61 -10.01 8.55
C SER A 33 2.36 -10.88 8.35
N ARG A 34 1.58 -10.56 7.34
CA ARG A 34 0.40 -11.34 6.99
C ARG A 34 0.59 -11.99 5.65
N GLY A 35 1.81 -12.03 5.20
CA GLY A 35 2.13 -12.61 3.93
C GLY A 35 3.52 -12.24 3.53
N ALA A 36 4.48 -12.97 4.05
CA ALA A 36 5.86 -12.69 3.80
C ALA A 36 6.26 -13.09 2.40
N ARG A 37 6.37 -12.10 1.55
CA ARG A 37 6.78 -12.28 0.16
C ARG A 37 8.29 -12.56 0.12
N ARG A 38 8.94 -12.31 1.24
CA ARG A 38 10.34 -12.54 1.42
C ARG A 38 10.50 -13.45 2.64
ZN ZN B . 0.66 -4.76 0.13
N GLY A 1 -12.85 7.30 -6.89
CA GLY A 1 -13.96 8.22 -6.79
C GLY A 1 -13.83 9.34 -7.79
N LYS A 2 -14.40 10.48 -7.47
CA LYS A 2 -14.40 11.61 -8.36
C LYS A 2 -13.05 12.31 -8.36
N GLN A 3 -12.41 12.38 -7.22
CA GLN A 3 -11.10 12.99 -7.12
C GLN A 3 -10.02 11.98 -7.49
N GLN A 4 -9.95 11.69 -8.77
CA GLN A 4 -9.02 10.70 -9.30
C GLN A 4 -7.62 11.29 -9.50
N GLU A 5 -7.48 12.57 -9.24
CA GLU A 5 -6.21 13.25 -9.39
C GLU A 5 -5.62 13.58 -8.03
N SER A 6 -6.38 13.32 -7.01
CA SER A 6 -5.99 13.62 -5.66
C SER A 6 -5.37 12.39 -5.00
N SER A 7 -5.24 11.35 -5.80
CA SER A 7 -4.76 10.09 -5.37
C SER A 7 -3.27 10.11 -4.94
N GLN A 8 -3.05 9.79 -3.68
CA GLN A 8 -1.70 9.66 -3.12
C GLN A 8 -1.37 8.19 -2.97
N TYR A 9 -2.05 7.39 -3.72
CA TYR A 9 -1.91 5.97 -3.64
C TYR A 9 -0.85 5.52 -4.60
N ILE A 10 -0.12 4.54 -4.19
CA ILE A 10 0.90 3.96 -4.96
C ILE A 10 0.56 2.47 -5.02
N HIS A 11 1.00 1.78 -6.03
CA HIS A 11 0.68 0.39 -6.04
C HIS A 11 1.73 -0.38 -5.25
N CYS A 12 1.26 -1.12 -4.29
CA CYS A 12 2.10 -1.93 -3.47
C CYS A 12 2.57 -3.05 -4.32
N GLU A 13 3.81 -3.27 -4.31
CA GLU A 13 4.37 -4.31 -5.13
C GLU A 13 4.62 -5.53 -4.30
N ASN A 14 4.14 -5.48 -3.08
CA ASN A 14 4.23 -6.58 -2.16
C ASN A 14 2.93 -7.41 -2.17
N CYS A 15 1.86 -6.82 -2.70
CA CYS A 15 0.60 -7.56 -2.92
C CYS A 15 -0.14 -7.09 -4.18
N GLY A 16 0.40 -6.07 -4.84
CA GLY A 16 -0.27 -5.53 -6.01
C GLY A 16 -1.51 -4.78 -5.65
N ARG A 17 -1.44 -4.02 -4.59
CA ARG A 17 -2.58 -3.30 -4.09
C ARG A 17 -2.33 -1.79 -4.05
N ASP A 18 -3.31 -1.04 -4.47
CA ASP A 18 -3.27 0.41 -4.48
C ASP A 18 -3.47 0.91 -3.08
N VAL A 19 -2.44 1.44 -2.54
CA VAL A 19 -2.44 1.94 -1.17
C VAL A 19 -1.73 3.28 -1.10
N SER A 20 -2.23 4.18 -0.27
CA SER A 20 -1.63 5.48 -0.01
C SER A 20 -0.14 5.32 0.29
N ALA A 21 0.69 6.08 -0.44
CA ALA A 21 2.15 6.03 -0.32
C ALA A 21 2.59 6.29 1.11
N ASN A 22 1.83 7.11 1.79
CA ASN A 22 2.10 7.47 3.18
C ASN A 22 1.72 6.33 4.14
N ARG A 23 0.81 5.48 3.70
CA ARG A 23 0.27 4.42 4.55
C ARG A 23 1.04 3.13 4.27
N LEU A 24 1.84 3.17 3.21
CA LEU A 24 2.54 2.01 2.68
C LEU A 24 3.45 1.37 3.73
N ALA A 25 4.10 2.18 4.55
CA ALA A 25 4.96 1.67 5.64
C ALA A 25 4.21 0.70 6.58
N ALA A 26 3.12 1.18 7.17
CA ALA A 26 2.33 0.37 8.09
C ALA A 26 1.70 -0.78 7.34
N HIS A 27 1.27 -0.47 6.13
CA HIS A 27 0.70 -1.45 5.26
C HIS A 27 1.69 -2.56 5.02
N LEU A 28 2.92 -2.20 4.75
CA LEU A 28 3.94 -3.15 4.44
C LEU A 28 4.28 -3.96 5.64
N GLN A 29 4.16 -3.39 6.82
CA GLN A 29 4.37 -4.18 8.01
C GLN A 29 3.32 -5.28 8.10
N ARG A 30 2.10 -4.93 7.76
CA ARG A 30 1.00 -5.87 7.77
C ARG A 30 1.17 -6.86 6.60
N CYS A 31 1.56 -6.31 5.47
CA CYS A 31 1.76 -7.03 4.21
C CYS A 31 2.97 -7.98 4.30
N LEU A 32 3.90 -7.70 5.19
CA LEU A 32 5.12 -8.50 5.32
C LEU A 32 4.93 -9.55 6.41
N SER A 33 4.29 -9.19 7.50
CA SER A 33 4.01 -10.13 8.57
C SER A 33 2.97 -11.17 8.11
N ARG A 34 2.07 -10.73 7.27
CA ARG A 34 1.08 -11.57 6.66
C ARG A 34 1.44 -11.73 5.18
N GLY A 35 0.50 -12.13 4.38
CA GLY A 35 0.72 -12.27 2.98
C GLY A 35 -0.26 -13.24 2.40
N ALA A 36 0.03 -14.48 2.61
CA ALA A 36 -0.82 -15.56 2.19
C ALA A 36 -0.48 -16.75 3.02
N ARG A 37 -1.33 -17.72 3.04
CA ARG A 37 -1.05 -18.94 3.74
C ARG A 37 -0.58 -19.96 2.74
N ARG A 38 0.68 -19.84 2.38
CA ARG A 38 1.34 -20.67 1.41
C ARG A 38 1.36 -22.10 1.92
ZN ZN B . 0.76 -4.86 0.10
N GLY A 1 -3.66 16.96 1.56
CA GLY A 1 -3.98 15.73 2.26
C GLY A 1 -4.11 15.99 3.73
N LYS A 2 -4.86 15.17 4.41
CA LYS A 2 -5.08 15.36 5.83
C LYS A 2 -4.55 14.13 6.59
N GLN A 3 -5.38 13.12 6.69
CA GLN A 3 -5.01 11.87 7.34
C GLN A 3 -5.72 10.73 6.64
N GLN A 4 -7.04 10.72 6.72
CA GLN A 4 -7.85 9.75 6.00
C GLN A 4 -7.86 10.11 4.52
N GLU A 5 -7.68 11.40 4.26
CA GLU A 5 -7.51 11.91 2.92
C GLU A 5 -6.04 11.89 2.57
N SER A 6 -5.61 10.82 1.99
CA SER A 6 -4.25 10.71 1.54
C SER A 6 -4.20 11.00 0.04
N SER A 7 -5.10 10.32 -0.70
CA SER A 7 -5.29 10.47 -2.15
C SER A 7 -4.13 9.89 -2.99
N GLN A 8 -2.92 9.94 -2.47
CA GLN A 8 -1.79 9.39 -3.17
C GLN A 8 -1.70 7.92 -2.89
N TYR A 9 -2.20 7.13 -3.79
CA TYR A 9 -2.07 5.72 -3.66
C TYR A 9 -1.01 5.25 -4.60
N ILE A 10 -0.20 4.37 -4.14
CA ILE A 10 0.84 3.84 -4.90
C ILE A 10 0.61 2.35 -5.01
N HIS A 11 1.02 1.77 -6.11
CA HIS A 11 0.85 0.38 -6.31
C HIS A 11 1.87 -0.37 -5.47
N CYS A 12 1.38 -1.11 -4.52
CA CYS A 12 2.19 -1.92 -3.70
C CYS A 12 2.66 -3.04 -4.55
N GLU A 13 3.88 -3.34 -4.46
CA GLU A 13 4.49 -4.38 -5.26
C GLU A 13 4.56 -5.63 -4.44
N ASN A 14 4.23 -5.44 -3.19
CA ASN A 14 4.28 -6.48 -2.21
C ASN A 14 3.02 -7.34 -2.26
N CYS A 15 1.87 -6.73 -2.48
CA CYS A 15 0.64 -7.50 -2.70
C CYS A 15 -0.05 -7.09 -4.00
N GLY A 16 0.53 -6.13 -4.71
CA GLY A 16 -0.06 -5.66 -5.95
C GLY A 16 -1.35 -4.88 -5.73
N ARG A 17 -1.38 -4.11 -4.67
CA ARG A 17 -2.58 -3.38 -4.30
C ARG A 17 -2.34 -1.86 -4.23
N ASP A 18 -3.38 -1.08 -4.46
CA ASP A 18 -3.35 0.37 -4.51
C ASP A 18 -3.51 0.91 -3.11
N VAL A 19 -2.43 1.31 -2.53
CA VAL A 19 -2.41 1.75 -1.14
C VAL A 19 -1.71 3.11 -1.00
N SER A 20 -2.17 3.94 -0.07
CA SER A 20 -1.65 5.28 0.13
C SER A 20 -0.17 5.25 0.44
N ALA A 21 0.59 6.07 -0.27
CA ALA A 21 2.04 6.17 -0.10
C ALA A 21 2.39 6.61 1.31
N ASN A 22 1.46 7.29 1.93
CA ASN A 22 1.64 7.79 3.30
C ASN A 22 1.48 6.66 4.32
N ARG A 23 0.87 5.57 3.88
CA ARG A 23 0.53 4.47 4.78
C ARG A 23 1.28 3.21 4.39
N LEU A 24 2.06 3.29 3.32
CA LEU A 24 2.69 2.13 2.70
C LEU A 24 3.61 1.40 3.68
N ALA A 25 4.33 2.14 4.49
CA ALA A 25 5.24 1.55 5.49
C ALA A 25 4.49 0.64 6.50
N ALA A 26 3.46 1.17 7.16
CA ALA A 26 2.67 0.40 8.14
C ALA A 26 1.91 -0.70 7.41
N HIS A 27 1.44 -0.35 6.22
CA HIS A 27 0.81 -1.28 5.34
C HIS A 27 1.72 -2.45 5.10
N LEU A 28 2.97 -2.16 4.77
CA LEU A 28 3.95 -3.18 4.46
C LEU A 28 4.25 -4.00 5.66
N GLN A 29 4.19 -3.40 6.84
CA GLN A 29 4.39 -4.15 8.06
C GLN A 29 3.33 -5.25 8.16
N ARG A 30 2.09 -4.89 7.87
CA ARG A 30 1.00 -5.85 7.88
C ARG A 30 1.07 -6.76 6.65
N CYS A 31 1.33 -6.16 5.52
CA CYS A 31 1.46 -6.83 4.21
C CYS A 31 2.48 -7.97 4.28
N LEU A 32 3.63 -7.69 4.88
CA LEU A 32 4.71 -8.64 4.94
C LEU A 32 4.49 -9.62 6.11
N SER A 33 4.11 -9.11 7.30
CA SER A 33 3.89 -10.00 8.46
C SER A 33 2.76 -11.01 8.20
N ARG A 34 1.81 -10.62 7.39
CA ARG A 34 0.71 -11.49 7.03
C ARG A 34 0.89 -11.99 5.60
N GLY A 35 2.09 -11.84 5.11
CA GLY A 35 2.43 -12.29 3.80
C GLY A 35 3.56 -13.27 3.86
N ALA A 36 3.65 -13.94 5.01
CA ALA A 36 4.68 -14.93 5.23
C ALA A 36 4.33 -16.19 4.46
N ARG A 37 4.90 -16.31 3.31
CA ARG A 37 4.63 -17.40 2.42
C ARG A 37 5.84 -18.30 2.34
N ARG A 38 5.64 -19.54 2.04
CA ARG A 38 6.74 -20.46 1.96
C ARG A 38 6.80 -20.96 0.53
ZN ZN B . 0.78 -4.65 0.10
N GLY A 1 -2.07 11.08 -12.62
CA GLY A 1 -2.96 11.43 -13.72
C GLY A 1 -3.47 12.85 -13.57
N LYS A 2 -3.13 13.70 -14.53
CA LYS A 2 -3.55 15.11 -14.49
C LYS A 2 -5.07 15.23 -14.56
N GLN A 3 -5.70 14.37 -15.33
CA GLN A 3 -7.15 14.36 -15.46
C GLN A 3 -7.81 13.49 -14.39
N GLN A 4 -7.07 13.15 -13.37
CA GLN A 4 -7.58 12.34 -12.29
C GLN A 4 -7.46 13.08 -10.97
N GLU A 5 -7.97 12.47 -9.92
CA GLU A 5 -7.92 13.00 -8.57
C GLU A 5 -6.50 12.91 -8.05
N SER A 6 -6.18 13.73 -7.08
CA SER A 6 -4.88 13.73 -6.43
C SER A 6 -4.62 12.37 -5.82
N SER A 7 -3.80 11.60 -6.48
CA SER A 7 -3.57 10.25 -6.08
C SER A 7 -2.37 10.16 -5.12
N GLN A 8 -2.65 9.81 -3.89
CA GLN A 8 -1.60 9.53 -2.92
C GLN A 8 -1.42 8.04 -2.79
N TYR A 9 -2.21 7.30 -3.53
CA TYR A 9 -2.12 5.88 -3.53
C TYR A 9 -1.14 5.45 -4.58
N ILE A 10 -0.52 4.36 -4.35
CA ILE A 10 0.41 3.82 -5.24
C ILE A 10 0.24 2.32 -5.16
N HIS A 11 0.50 1.62 -6.22
CA HIS A 11 0.41 0.19 -6.14
C HIS A 11 1.57 -0.35 -5.31
N CYS A 12 1.23 -1.17 -4.39
CA CYS A 12 2.16 -1.86 -3.56
C CYS A 12 2.82 -2.90 -4.42
N GLU A 13 4.09 -3.05 -4.27
CA GLU A 13 4.85 -4.01 -5.05
C GLU A 13 4.78 -5.34 -4.35
N ASN A 14 4.35 -5.28 -3.12
CA ASN A 14 4.31 -6.43 -2.26
C ASN A 14 3.05 -7.26 -2.45
N CYS A 15 1.88 -6.63 -2.43
CA CYS A 15 0.64 -7.38 -2.70
C CYS A 15 -0.03 -6.90 -3.98
N GLY A 16 0.67 -6.05 -4.73
CA GLY A 16 0.12 -5.50 -5.99
C GLY A 16 -1.12 -4.67 -5.77
N ARG A 17 -1.19 -3.99 -4.64
CA ARG A 17 -2.40 -3.30 -4.27
C ARG A 17 -2.22 -1.80 -4.09
N ASP A 18 -3.12 -1.04 -4.68
CA ASP A 18 -3.20 0.41 -4.57
C ASP A 18 -3.49 0.80 -3.15
N VAL A 19 -2.50 1.26 -2.51
CA VAL A 19 -2.56 1.68 -1.13
C VAL A 19 -1.85 3.03 -1.00
N SER A 20 -2.25 3.85 -0.03
CA SER A 20 -1.66 5.15 0.18
C SER A 20 -0.17 5.03 0.41
N ALA A 21 0.58 5.83 -0.32
CA ALA A 21 2.02 5.84 -0.24
C ALA A 21 2.47 6.41 1.10
N ASN A 22 1.55 7.02 1.80
CA ASN A 22 1.81 7.60 3.10
C ASN A 22 1.48 6.57 4.20
N ARG A 23 0.85 5.49 3.79
CA ARG A 23 0.46 4.42 4.71
C ARG A 23 1.24 3.14 4.36
N LEU A 24 1.98 3.22 3.25
CA LEU A 24 2.65 2.07 2.63
C LEU A 24 3.62 1.37 3.58
N ALA A 25 4.32 2.12 4.38
CA ALA A 25 5.27 1.54 5.34
C ALA A 25 4.58 0.66 6.36
N ALA A 26 3.64 1.23 7.12
CA ALA A 26 2.90 0.46 8.14
C ALA A 26 2.13 -0.67 7.46
N HIS A 27 1.68 -0.35 6.26
CA HIS A 27 1.02 -1.30 5.40
C HIS A 27 1.94 -2.45 5.14
N LEU A 28 3.18 -2.16 4.83
CA LEU A 28 4.17 -3.17 4.53
C LEU A 28 4.39 -4.04 5.71
N GLN A 29 4.39 -3.47 6.89
CA GLN A 29 4.51 -4.30 8.08
C GLN A 29 3.35 -5.30 8.18
N ARG A 30 2.15 -4.83 7.86
CA ARG A 30 0.97 -5.69 7.90
C ARG A 30 1.01 -6.66 6.71
N CYS A 31 1.41 -6.13 5.57
CA CYS A 31 1.53 -6.84 4.29
C CYS A 31 2.57 -7.98 4.40
N LEU A 32 3.65 -7.71 5.09
CA LEU A 32 4.72 -8.67 5.24
C LEU A 32 4.32 -9.68 6.32
N SER A 33 3.62 -9.21 7.35
CA SER A 33 3.12 -10.08 8.40
C SER A 33 2.09 -11.07 7.82
N ARG A 34 1.17 -10.58 7.04
CA ARG A 34 0.16 -11.41 6.42
C ARG A 34 -0.35 -10.81 5.13
N GLY A 35 -0.85 -11.64 4.27
CA GLY A 35 -1.45 -11.16 3.08
C GLY A 35 -2.93 -10.98 3.30
N ALA A 36 -3.68 -11.92 2.82
CA ALA A 36 -5.10 -11.93 3.01
C ALA A 36 -5.42 -12.92 4.10
N ARG A 37 -6.43 -12.62 4.90
CA ARG A 37 -6.88 -13.46 6.03
C ARG A 37 -5.88 -13.47 7.19
N ARG A 38 -6.35 -13.72 8.38
CA ARG A 38 -5.49 -13.85 9.53
C ARG A 38 -5.70 -15.20 10.15
ZN ZN B . 0.86 -4.65 0.18
N GLY A 1 -4.95 10.44 -20.38
CA GLY A 1 -4.37 11.21 -19.27
C GLY A 1 -3.28 10.42 -18.59
N LYS A 2 -3.02 10.73 -17.35
CA LYS A 2 -2.01 10.04 -16.57
C LYS A 2 -2.58 9.81 -15.18
N GLN A 3 -2.93 10.91 -14.52
CA GLN A 3 -3.60 10.94 -13.21
C GLN A 3 -2.65 10.66 -12.03
N GLN A 4 -2.44 11.68 -11.23
CA GLN A 4 -1.66 11.60 -10.01
C GLN A 4 -2.16 12.68 -9.06
N GLU A 5 -1.52 12.83 -7.91
CA GLU A 5 -1.85 13.85 -6.87
C GLU A 5 -3.12 13.52 -6.11
N SER A 6 -4.23 13.40 -6.83
CA SER A 6 -5.45 12.90 -6.22
C SER A 6 -5.20 11.44 -5.90
N SER A 7 -4.43 10.82 -6.76
CA SER A 7 -4.02 9.49 -6.60
C SER A 7 -2.75 9.47 -5.74
N GLN A 8 -2.96 9.50 -4.44
CA GLN A 8 -1.86 9.43 -3.47
C GLN A 8 -1.66 8.01 -3.02
N TYR A 9 -2.17 7.11 -3.80
CA TYR A 9 -2.03 5.73 -3.54
C TYR A 9 -0.92 5.23 -4.44
N ILE A 10 -0.07 4.44 -3.92
CA ILE A 10 1.03 3.96 -4.64
C ILE A 10 0.84 2.46 -4.85
N HIS A 11 1.45 1.93 -5.88
CA HIS A 11 1.35 0.54 -6.17
C HIS A 11 2.24 -0.26 -5.22
N CYS A 12 1.63 -1.07 -4.40
CA CYS A 12 2.34 -1.98 -3.58
C CYS A 12 2.69 -3.11 -4.48
N GLU A 13 3.90 -3.49 -4.49
CA GLU A 13 4.32 -4.59 -5.33
C GLU A 13 4.25 -5.84 -4.51
N ASN A 14 4.11 -5.63 -3.24
CA ASN A 14 4.12 -6.69 -2.29
C ASN A 14 2.83 -7.48 -2.27
N CYS A 15 1.70 -6.83 -2.45
CA CYS A 15 0.45 -7.55 -2.66
C CYS A 15 -0.22 -7.12 -3.97
N GLY A 16 0.43 -6.19 -4.67
CA GLY A 16 -0.13 -5.68 -5.91
C GLY A 16 -1.38 -4.87 -5.67
N ARG A 17 -1.35 -4.08 -4.64
CA ARG A 17 -2.52 -3.33 -4.23
C ARG A 17 -2.21 -1.84 -4.25
N ASP A 18 -3.22 -1.03 -4.43
CA ASP A 18 -3.08 0.41 -4.57
C ASP A 18 -3.38 1.06 -3.25
N VAL A 19 -2.37 1.39 -2.53
CA VAL A 19 -2.52 1.85 -1.16
C VAL A 19 -1.84 3.19 -0.97
N SER A 20 -2.41 4.03 -0.11
CA SER A 20 -1.92 5.36 0.18
C SER A 20 -0.42 5.35 0.47
N ALA A 21 0.33 6.10 -0.32
CA ALA A 21 1.80 6.15 -0.26
C ALA A 21 2.31 6.50 1.12
N ASN A 22 1.54 7.26 1.86
CA ASN A 22 1.93 7.68 3.21
C ASN A 22 1.65 6.57 4.23
N ARG A 23 0.83 5.63 3.86
CA ARG A 23 0.44 4.55 4.75
C ARG A 23 1.06 3.24 4.32
N LEU A 24 1.87 3.28 3.27
CA LEU A 24 2.44 2.08 2.69
C LEU A 24 3.39 1.41 3.67
N ALA A 25 4.11 2.20 4.45
CA ALA A 25 5.04 1.70 5.47
C ALA A 25 4.36 0.70 6.44
N ALA A 26 3.35 1.17 7.16
CA ALA A 26 2.63 0.31 8.11
C ALA A 26 1.88 -0.76 7.37
N HIS A 27 1.40 -0.40 6.19
CA HIS A 27 0.77 -1.34 5.30
C HIS A 27 1.69 -2.50 5.05
N LEU A 28 2.91 -2.20 4.66
CA LEU A 28 3.90 -3.20 4.33
C LEU A 28 4.23 -4.02 5.52
N GLN A 29 4.23 -3.41 6.68
CA GLN A 29 4.52 -4.14 7.90
C GLN A 29 3.48 -5.24 8.05
N ARG A 30 2.22 -4.88 7.86
CA ARG A 30 1.14 -5.84 7.99
C ARG A 30 1.11 -6.79 6.77
N CYS A 31 1.31 -6.20 5.61
CA CYS A 31 1.38 -6.89 4.31
C CYS A 31 2.38 -8.04 4.37
N LEU A 32 3.60 -7.73 4.78
CA LEU A 32 4.66 -8.72 4.82
C LEU A 32 4.72 -9.54 6.09
N SER A 33 4.23 -9.02 7.20
CA SER A 33 4.18 -9.80 8.45
C SER A 33 3.16 -10.92 8.31
N ARG A 34 2.14 -10.68 7.51
CA ARG A 34 1.11 -11.67 7.30
C ARG A 34 1.33 -12.38 5.97
N GLY A 35 2.30 -11.94 5.23
CA GLY A 35 2.60 -12.53 3.94
C GLY A 35 3.63 -13.60 4.08
N ALA A 36 3.33 -14.58 4.89
CA ALA A 36 4.24 -15.64 5.19
C ALA A 36 4.17 -16.72 4.11
N ARG A 37 5.27 -16.93 3.43
CA ARG A 37 5.36 -17.95 2.40
C ARG A 37 5.57 -19.32 3.04
N ARG A 38 6.37 -19.33 4.10
CA ARG A 38 6.72 -20.54 4.87
C ARG A 38 7.55 -21.51 4.03
ZN ZN B . 0.75 -4.71 0.14
N GLY A 1 -6.17 17.63 -17.23
CA GLY A 1 -6.33 16.72 -16.12
C GLY A 1 -6.86 17.44 -14.92
N LYS A 2 -7.66 16.76 -14.14
CA LYS A 2 -8.25 17.31 -12.93
C LYS A 2 -8.15 16.26 -11.86
N GLN A 3 -7.77 16.66 -10.69
CA GLN A 3 -7.67 15.74 -9.59
C GLN A 3 -8.77 15.96 -8.61
N GLN A 4 -9.81 15.14 -8.72
CA GLN A 4 -10.93 15.17 -7.79
C GLN A 4 -10.42 14.77 -6.43
N GLU A 5 -9.63 13.76 -6.44
CA GLU A 5 -8.99 13.26 -5.27
C GLU A 5 -7.51 13.28 -5.54
N SER A 6 -6.75 13.62 -4.56
CA SER A 6 -5.34 13.52 -4.65
C SER A 6 -5.02 12.05 -4.53
N SER A 7 -4.53 11.47 -5.59
CA SER A 7 -4.26 10.06 -5.67
C SER A 7 -3.00 9.69 -4.88
N GLN A 8 -3.11 9.75 -3.57
CA GLN A 8 -2.03 9.48 -2.65
C GLN A 8 -1.80 7.98 -2.49
N TYR A 9 -2.18 7.22 -3.47
CA TYR A 9 -2.07 5.80 -3.41
C TYR A 9 -1.01 5.37 -4.39
N ILE A 10 -0.31 4.36 -4.05
CA ILE A 10 0.68 3.83 -4.88
C ILE A 10 0.44 2.34 -4.97
N HIS A 11 0.89 1.75 -6.03
CA HIS A 11 0.78 0.34 -6.20
C HIS A 11 1.77 -0.31 -5.24
N CYS A 12 1.28 -1.13 -4.36
CA CYS A 12 2.12 -1.87 -3.47
C CYS A 12 2.80 -2.90 -4.31
N GLU A 13 4.07 -2.95 -4.20
CA GLU A 13 4.89 -3.85 -5.00
C GLU A 13 4.91 -5.21 -4.37
N ASN A 14 4.32 -5.29 -3.20
CA ASN A 14 4.34 -6.52 -2.46
C ASN A 14 3.09 -7.35 -2.77
N CYS A 15 1.90 -6.78 -2.54
CA CYS A 15 0.67 -7.52 -2.83
C CYS A 15 0.01 -7.03 -4.11
N GLY A 16 0.63 -6.07 -4.79
CA GLY A 16 0.08 -5.53 -6.02
C GLY A 16 -1.21 -4.76 -5.79
N ARG A 17 -1.26 -4.04 -4.71
CA ARG A 17 -2.49 -3.36 -4.30
C ARG A 17 -2.31 -1.85 -4.18
N ASP A 18 -3.30 -1.09 -4.61
CA ASP A 18 -3.29 0.38 -4.60
C ASP A 18 -3.60 0.85 -3.21
N VAL A 19 -2.60 1.26 -2.53
CA VAL A 19 -2.71 1.67 -1.14
C VAL A 19 -2.01 2.99 -0.93
N SER A 20 -2.51 3.79 0.01
CA SER A 20 -1.94 5.08 0.37
C SER A 20 -0.44 5.00 0.60
N ALA A 21 0.30 5.76 -0.22
CA ALA A 21 1.75 5.81 -0.21
C ALA A 21 2.26 6.26 1.13
N ASN A 22 1.52 7.15 1.75
CA ASN A 22 1.83 7.70 3.06
C ASN A 22 1.86 6.59 4.12
N ARG A 23 1.11 5.54 3.87
CA ARG A 23 0.93 4.49 4.81
C ARG A 23 1.49 3.18 4.29
N LEU A 24 2.31 3.25 3.25
CA LEU A 24 2.80 2.03 2.59
C LEU A 24 3.71 1.26 3.54
N ALA A 25 4.48 1.98 4.33
CA ALA A 25 5.37 1.35 5.31
C ALA A 25 4.59 0.57 6.36
N ALA A 26 3.55 1.21 6.93
CA ALA A 26 2.70 0.56 7.94
C ALA A 26 1.98 -0.61 7.29
N HIS A 27 1.51 -0.36 6.09
CA HIS A 27 0.86 -1.35 5.29
C HIS A 27 1.80 -2.48 5.02
N LEU A 28 3.03 -2.20 4.70
CA LEU A 28 3.99 -3.24 4.39
C LEU A 28 4.30 -4.07 5.57
N GLN A 29 4.27 -3.47 6.74
CA GLN A 29 4.46 -4.24 7.93
C GLN A 29 3.28 -5.20 8.12
N ARG A 30 2.09 -4.72 7.78
CA ARG A 30 0.89 -5.53 7.82
C ARG A 30 0.94 -6.58 6.71
N CYS A 31 1.29 -6.12 5.54
CA CYS A 31 1.37 -6.88 4.29
C CYS A 31 2.35 -8.04 4.42
N LEU A 32 3.48 -7.76 5.04
CA LEU A 32 4.52 -8.72 5.16
C LEU A 32 4.29 -9.64 6.36
N SER A 33 3.88 -9.09 7.49
CA SER A 33 3.68 -9.89 8.68
C SER A 33 2.43 -10.79 8.57
N ARG A 34 1.40 -10.31 7.89
CA ARG A 34 0.17 -11.09 7.71
C ARG A 34 0.25 -11.91 6.43
N GLY A 35 1.32 -11.73 5.72
CA GLY A 35 1.55 -12.48 4.51
C GLY A 35 2.75 -13.36 4.68
N ALA A 36 3.15 -13.53 5.92
CA ALA A 36 4.30 -14.29 6.25
C ALA A 36 3.92 -15.73 6.48
N ARG A 37 4.42 -16.59 5.65
CA ARG A 37 4.21 -18.00 5.78
C ARG A 37 5.37 -18.56 6.57
N ARG A 38 6.55 -18.40 5.99
CA ARG A 38 7.82 -18.80 6.56
C ARG A 38 8.88 -18.42 5.56
ZN ZN B . 0.70 -4.80 0.14
N GLY A 1 -0.78 13.82 -14.86
CA GLY A 1 -0.25 14.89 -14.04
C GLY A 1 -1.14 15.12 -12.85
N LYS A 2 -0.66 15.85 -11.88
CA LYS A 2 -1.41 16.09 -10.67
C LYS A 2 -2.20 17.38 -10.76
N GLN A 3 -3.47 17.26 -11.01
CA GLN A 3 -4.36 18.41 -11.01
C GLN A 3 -5.27 18.35 -9.81
N GLN A 4 -5.73 17.16 -9.49
CA GLN A 4 -6.50 16.91 -8.31
C GLN A 4 -5.59 16.22 -7.34
N GLU A 5 -5.66 16.58 -6.10
CA GLU A 5 -4.78 15.97 -5.14
C GLU A 5 -5.45 14.80 -4.45
N SER A 6 -5.22 13.65 -5.00
CA SER A 6 -5.68 12.42 -4.43
C SER A 6 -4.67 11.37 -4.87
N SER A 7 -3.45 11.85 -5.08
CA SER A 7 -2.33 11.08 -5.60
C SER A 7 -1.64 10.37 -4.43
N GLN A 8 -2.43 10.02 -3.45
CA GLN A 8 -1.95 9.50 -2.21
C GLN A 8 -1.87 8.00 -2.21
N TYR A 9 -1.89 7.38 -3.36
CA TYR A 9 -1.80 5.94 -3.43
C TYR A 9 -0.67 5.55 -4.32
N ILE A 10 -0.09 4.44 -4.04
CA ILE A 10 0.96 3.91 -4.80
C ILE A 10 0.69 2.42 -4.96
N HIS A 11 1.17 1.83 -6.02
CA HIS A 11 0.95 0.44 -6.26
C HIS A 11 1.94 -0.36 -5.42
N CYS A 12 1.43 -1.10 -4.48
CA CYS A 12 2.22 -1.94 -3.65
C CYS A 12 2.69 -3.07 -4.49
N GLU A 13 3.91 -3.39 -4.37
CA GLU A 13 4.49 -4.49 -5.11
C GLU A 13 4.41 -5.74 -4.28
N ASN A 14 4.08 -5.53 -3.02
CA ASN A 14 4.09 -6.57 -2.04
C ASN A 14 2.75 -7.32 -1.98
N CYS A 15 1.74 -6.74 -2.60
CA CYS A 15 0.46 -7.44 -2.77
C CYS A 15 -0.21 -7.02 -4.08
N GLY A 16 0.46 -6.15 -4.83
CA GLY A 16 -0.10 -5.63 -6.07
C GLY A 16 -1.33 -4.81 -5.85
N ARG A 17 -1.37 -4.07 -4.78
CA ARG A 17 -2.55 -3.35 -4.41
C ARG A 17 -2.26 -1.84 -4.36
N ASP A 18 -3.25 -1.05 -4.70
CA ASP A 18 -3.15 0.41 -4.67
C ASP A 18 -3.43 0.84 -3.28
N VAL A 19 -2.43 1.23 -2.61
CA VAL A 19 -2.54 1.57 -1.21
C VAL A 19 -1.91 2.93 -0.99
N SER A 20 -2.42 3.66 0.00
CA SER A 20 -1.98 4.97 0.32
C SER A 20 -0.46 5.01 0.55
N ALA A 21 0.19 5.91 -0.15
CA ALA A 21 1.63 6.07 -0.14
C ALA A 21 2.14 6.35 1.27
N ASN A 22 1.44 7.24 1.96
CA ASN A 22 1.77 7.60 3.35
C ASN A 22 1.62 6.38 4.28
N ARG A 23 0.77 5.47 3.89
CA ARG A 23 0.46 4.32 4.72
C ARG A 23 1.26 3.11 4.29
N LEU A 24 1.99 3.21 3.19
CA LEU A 24 2.67 2.06 2.59
C LEU A 24 3.64 1.40 3.57
N ALA A 25 4.34 2.21 4.35
CA ALA A 25 5.26 1.70 5.40
C ALA A 25 4.54 0.75 6.39
N ALA A 26 3.51 1.26 7.05
CA ALA A 26 2.76 0.50 8.04
C ALA A 26 2.01 -0.63 7.34
N HIS A 27 1.54 -0.32 6.15
CA HIS A 27 0.89 -1.28 5.31
C HIS A 27 1.82 -2.42 5.04
N LEU A 28 3.06 -2.12 4.75
CA LEU A 28 4.04 -3.12 4.42
C LEU A 28 4.34 -3.95 5.61
N GLN A 29 4.32 -3.35 6.77
CA GLN A 29 4.52 -4.11 7.99
C GLN A 29 3.41 -5.17 8.10
N ARG A 30 2.19 -4.75 7.80
CA ARG A 30 1.05 -5.62 7.85
C ARG A 30 1.10 -6.61 6.67
N CYS A 31 1.41 -6.10 5.51
CA CYS A 31 1.51 -6.83 4.24
C CYS A 31 2.56 -7.95 4.36
N LEU A 32 3.70 -7.63 4.96
CA LEU A 32 4.81 -8.55 5.09
C LEU A 32 4.50 -9.57 6.19
N SER A 33 4.02 -9.09 7.34
CA SER A 33 3.71 -9.97 8.47
C SER A 33 2.60 -10.97 8.14
N ARG A 34 1.65 -10.56 7.31
CA ARG A 34 0.51 -11.41 6.99
C ARG A 34 0.70 -12.18 5.69
N GLY A 35 1.85 -12.00 5.05
CA GLY A 35 2.15 -12.74 3.85
C GLY A 35 2.59 -14.14 4.21
N ALA A 36 1.63 -15.02 4.37
CA ALA A 36 1.89 -16.35 4.82
C ALA A 36 1.28 -17.40 3.90
N ARG A 37 -0.02 -17.30 3.67
CA ARG A 37 -0.73 -18.30 2.87
C ARG A 37 -0.37 -18.14 1.41
N ARG A 38 -0.02 -16.93 1.07
CA ARG A 38 0.44 -16.56 -0.22
C ARG A 38 1.31 -15.33 -0.03
ZN ZN B . 0.81 -4.65 0.10
N GLY A 1 -5.15 6.82 -14.04
CA GLY A 1 -5.65 5.77 -13.16
C GLY A 1 -6.86 5.10 -13.76
N LYS A 2 -6.93 3.78 -13.63
CA LYS A 2 -8.05 3.02 -14.15
C LYS A 2 -9.04 2.74 -13.03
N GLN A 3 -8.52 2.51 -11.86
CA GLN A 3 -9.35 2.36 -10.68
C GLN A 3 -9.05 3.57 -9.83
N GLN A 4 -9.81 4.60 -10.08
CA GLN A 4 -9.51 5.88 -9.56
C GLN A 4 -10.16 6.17 -8.21
N GLU A 5 -9.36 6.01 -7.19
CA GLU A 5 -9.64 6.46 -5.82
C GLU A 5 -8.31 6.77 -5.19
N SER A 6 -7.37 7.08 -6.04
CA SER A 6 -6.03 7.28 -5.65
C SER A 6 -5.72 8.77 -5.44
N SER A 7 -5.69 9.18 -4.18
CA SER A 7 -5.29 10.52 -3.85
C SER A 7 -3.78 10.60 -3.80
N GLN A 8 -3.18 9.75 -3.00
CA GLN A 8 -1.75 9.63 -2.90
C GLN A 8 -1.42 8.15 -2.76
N TYR A 9 -1.99 7.35 -3.63
CA TYR A 9 -1.82 5.91 -3.59
C TYR A 9 -0.80 5.48 -4.59
N ILE A 10 -0.06 4.49 -4.25
CA ILE A 10 0.94 3.96 -5.07
C ILE A 10 0.67 2.45 -5.19
N HIS A 11 1.21 1.84 -6.19
CA HIS A 11 1.01 0.43 -6.38
C HIS A 11 1.95 -0.33 -5.47
N CYS A 12 1.38 -1.05 -4.53
CA CYS A 12 2.14 -1.88 -3.66
C CYS A 12 2.63 -3.04 -4.49
N GLU A 13 3.85 -3.34 -4.35
CA GLU A 13 4.50 -4.38 -5.14
C GLU A 13 4.56 -5.64 -4.32
N ASN A 14 4.01 -5.52 -3.16
CA ASN A 14 3.97 -6.59 -2.22
C ASN A 14 2.69 -7.40 -2.36
N CYS A 15 1.55 -6.75 -2.25
CA CYS A 15 0.26 -7.45 -2.50
C CYS A 15 -0.31 -7.08 -3.87
N GLY A 16 0.31 -6.12 -4.55
CA GLY A 16 -0.16 -5.67 -5.85
C GLY A 16 -1.41 -4.81 -5.74
N ARG A 17 -1.47 -4.00 -4.70
CA ARG A 17 -2.66 -3.20 -4.46
C ARG A 17 -2.35 -1.69 -4.43
N ASP A 18 -3.33 -0.87 -4.78
CA ASP A 18 -3.23 0.58 -4.78
C ASP A 18 -3.46 1.06 -3.38
N VAL A 19 -2.41 1.42 -2.74
CA VAL A 19 -2.46 1.80 -1.35
C VAL A 19 -1.76 3.14 -1.16
N SER A 20 -2.27 3.95 -0.25
CA SER A 20 -1.71 5.25 0.07
C SER A 20 -0.23 5.13 0.41
N ALA A 21 0.59 5.97 -0.21
CA ALA A 21 2.03 6.01 0.03
C ALA A 21 2.32 6.28 1.50
N ASN A 22 1.41 7.00 2.10
CA ASN A 22 1.50 7.37 3.51
C ASN A 22 1.23 6.15 4.39
N ARG A 23 0.48 5.23 3.87
CA ARG A 23 0.10 4.06 4.60
C ARG A 23 1.09 2.93 4.34
N LEU A 24 1.74 2.96 3.16
CA LEU A 24 2.64 1.89 2.65
C LEU A 24 3.61 1.32 3.66
N ALA A 25 4.25 2.16 4.44
CA ALA A 25 5.20 1.69 5.46
C ALA A 25 4.52 0.74 6.49
N ALA A 26 3.49 1.25 7.17
CA ALA A 26 2.76 0.45 8.16
C ALA A 26 2.03 -0.69 7.46
N HIS A 27 1.57 -0.38 6.27
CA HIS A 27 0.96 -1.34 5.41
C HIS A 27 1.92 -2.47 5.10
N LEU A 28 3.17 -2.15 4.81
CA LEU A 28 4.19 -3.16 4.53
C LEU A 28 4.43 -3.99 5.73
N GLN A 29 4.36 -3.37 6.90
CA GLN A 29 4.48 -4.12 8.13
C GLN A 29 3.41 -5.19 8.16
N ARG A 30 2.19 -4.81 7.81
CA ARG A 30 1.08 -5.74 7.80
C ARG A 30 1.22 -6.72 6.63
N CYS A 31 1.53 -6.16 5.47
CA CYS A 31 1.65 -6.88 4.20
C CYS A 31 2.71 -8.00 4.32
N LEU A 32 3.84 -7.68 4.96
CA LEU A 32 4.92 -8.64 5.14
C LEU A 32 4.80 -9.42 6.45
N SER A 33 3.96 -8.96 7.36
CA SER A 33 3.66 -9.70 8.58
C SER A 33 3.03 -11.02 8.18
N ARG A 34 2.07 -10.93 7.28
CA ARG A 34 1.38 -12.09 6.81
C ARG A 34 2.14 -12.70 5.64
N GLY A 35 2.59 -11.87 4.72
CA GLY A 35 3.33 -12.34 3.59
C GLY A 35 2.42 -13.02 2.58
N ALA A 36 2.99 -13.82 1.73
CA ALA A 36 2.22 -14.54 0.74
C ALA A 36 2.65 -15.99 0.72
N ARG A 37 1.81 -16.84 1.25
CA ARG A 37 2.07 -18.26 1.25
C ARG A 37 1.55 -18.82 -0.06
N ARG A 38 2.43 -19.30 -0.88
CA ARG A 38 2.04 -19.79 -2.17
C ARG A 38 1.99 -21.30 -2.15
ZN ZN B . 0.68 -4.58 0.15
N GLY A 1 -20.30 8.44 -6.45
CA GLY A 1 -19.31 9.37 -7.00
C GLY A 1 -17.99 8.70 -7.16
N LYS A 2 -17.22 9.14 -8.12
CA LYS A 2 -15.93 8.54 -8.40
C LYS A 2 -14.91 8.93 -7.32
N GLN A 3 -14.14 7.97 -6.88
CA GLN A 3 -13.12 8.23 -5.88
C GLN A 3 -11.83 7.49 -6.17
N GLN A 4 -11.79 6.82 -7.29
CA GLN A 4 -10.61 6.06 -7.63
C GLN A 4 -9.68 6.91 -8.47
N GLU A 5 -8.80 7.58 -7.80
CA GLU A 5 -7.87 8.46 -8.42
C GLU A 5 -6.45 8.11 -8.02
N SER A 6 -5.50 8.78 -8.61
CA SER A 6 -4.13 8.50 -8.33
C SER A 6 -3.41 9.76 -7.91
N SER A 7 -3.28 9.95 -6.62
CA SER A 7 -2.48 11.01 -6.10
C SER A 7 -1.78 10.55 -4.82
N GLN A 8 -2.55 10.07 -3.86
CA GLN A 8 -1.97 9.61 -2.63
C GLN A 8 -1.90 8.11 -2.52
N TYR A 9 -2.17 7.43 -3.58
CA TYR A 9 -2.06 5.98 -3.57
C TYR A 9 -0.97 5.60 -4.53
N ILE A 10 -0.31 4.53 -4.24
CA ILE A 10 0.70 4.00 -5.06
C ILE A 10 0.50 2.49 -5.06
N HIS A 11 0.94 1.80 -6.06
CA HIS A 11 0.74 0.38 -6.04
C HIS A 11 1.78 -0.27 -5.15
N CYS A 12 1.32 -1.06 -4.25
CA CYS A 12 2.15 -1.85 -3.43
C CYS A 12 2.71 -2.92 -4.31
N GLU A 13 3.96 -3.08 -4.26
CA GLU A 13 4.66 -4.01 -5.11
C GLU A 13 4.80 -5.34 -4.39
N ASN A 14 4.25 -5.36 -3.20
CA ASN A 14 4.29 -6.51 -2.36
C ASN A 14 3.03 -7.37 -2.53
N CYS A 15 1.85 -6.78 -2.33
CA CYS A 15 0.59 -7.53 -2.60
C CYS A 15 0.03 -7.16 -3.97
N GLY A 16 0.53 -6.08 -4.56
CA GLY A 16 0.02 -5.61 -5.84
C GLY A 16 -1.25 -4.81 -5.66
N ARG A 17 -1.31 -4.04 -4.62
CA ARG A 17 -2.50 -3.30 -4.32
C ARG A 17 -2.27 -1.78 -4.26
N ASP A 18 -3.22 -1.01 -4.77
CA ASP A 18 -3.18 0.44 -4.75
C ASP A 18 -3.51 0.89 -3.35
N VAL A 19 -2.51 1.29 -2.67
CA VAL A 19 -2.62 1.67 -1.27
C VAL A 19 -1.99 3.04 -1.07
N SER A 20 -2.45 3.76 -0.07
CA SER A 20 -1.99 5.08 0.24
C SER A 20 -0.48 5.09 0.46
N ALA A 21 0.20 5.93 -0.30
CA ALA A 21 1.65 6.04 -0.33
C ALA A 21 2.23 6.36 1.04
N ASN A 22 1.53 7.18 1.79
CA ASN A 22 1.99 7.61 3.12
C ASN A 22 1.82 6.47 4.14
N ARG A 23 0.98 5.53 3.80
CA ARG A 23 0.62 4.45 4.69
C ARG A 23 1.25 3.15 4.26
N LEU A 24 2.07 3.22 3.22
CA LEU A 24 2.64 2.02 2.60
C LEU A 24 3.62 1.32 3.56
N ALA A 25 4.34 2.09 4.34
CA ALA A 25 5.29 1.55 5.33
C ALA A 25 4.58 0.66 6.36
N ALA A 26 3.57 1.21 7.04
CA ALA A 26 2.81 0.47 8.06
C ALA A 26 2.09 -0.69 7.39
N HIS A 27 1.60 -0.40 6.20
CA HIS A 27 0.96 -1.37 5.38
C HIS A 27 1.90 -2.51 5.11
N LEU A 28 3.14 -2.20 4.79
CA LEU A 28 4.12 -3.21 4.50
C LEU A 28 4.39 -4.05 5.68
N GLN A 29 4.37 -3.47 6.85
CA GLN A 29 4.54 -4.26 8.04
C GLN A 29 3.39 -5.28 8.17
N ARG A 30 2.18 -4.85 7.85
CA ARG A 30 1.01 -5.71 7.88
C ARG A 30 1.07 -6.71 6.71
N CYS A 31 1.43 -6.20 5.56
CA CYS A 31 1.54 -6.93 4.31
C CYS A 31 2.54 -8.09 4.46
N LEU A 32 3.68 -7.78 5.05
CA LEU A 32 4.76 -8.72 5.23
C LEU A 32 4.40 -9.73 6.36
N SER A 33 3.76 -9.23 7.43
CA SER A 33 3.36 -10.07 8.55
C SER A 33 2.31 -11.11 8.11
N ARG A 34 1.29 -10.63 7.40
CA ARG A 34 0.20 -11.50 6.94
C ARG A 34 0.70 -12.53 5.95
N GLY A 35 1.62 -12.12 5.11
CA GLY A 35 2.21 -13.04 4.20
C GLY A 35 1.88 -12.77 2.76
N ALA A 36 1.99 -11.52 2.36
CA ALA A 36 1.78 -11.17 0.98
C ALA A 36 3.01 -11.54 0.17
N ARG A 37 3.11 -12.80 -0.06
CA ARG A 37 4.19 -13.41 -0.77
C ARG A 37 3.58 -14.52 -1.57
N ARG A 38 3.89 -14.57 -2.83
CA ARG A 38 3.35 -15.57 -3.71
C ARG A 38 4.48 -16.23 -4.42
ZN ZN B . 0.80 -4.71 0.19
N GLY A 1 -10.67 16.29 -1.67
CA GLY A 1 -10.10 16.04 -2.98
C GLY A 1 -10.97 15.10 -3.76
N LYS A 2 -10.39 14.40 -4.70
CA LYS A 2 -11.11 13.42 -5.45
C LYS A 2 -10.23 12.20 -5.61
N GLN A 3 -10.69 11.09 -5.13
CA GLN A 3 -9.92 9.88 -5.16
C GLN A 3 -10.66 8.79 -5.91
N GLN A 4 -10.60 8.87 -7.21
CA GLN A 4 -11.18 7.84 -8.06
C GLN A 4 -10.04 7.19 -8.83
N GLU A 5 -9.16 8.04 -9.36
CA GLU A 5 -7.96 7.58 -10.06
C GLU A 5 -6.92 7.15 -9.05
N SER A 6 -7.11 7.66 -7.82
CA SER A 6 -6.33 7.35 -6.64
C SER A 6 -5.00 8.13 -6.64
N SER A 7 -5.05 9.35 -6.09
CA SER A 7 -3.90 10.24 -6.05
C SER A 7 -2.94 9.91 -4.89
N GLN A 8 -3.49 9.51 -3.75
CA GLN A 8 -2.68 9.31 -2.54
C GLN A 8 -2.30 7.87 -2.34
N TYR A 9 -2.54 7.06 -3.30
CA TYR A 9 -2.21 5.67 -3.19
C TYR A 9 -1.09 5.36 -4.14
N ILE A 10 -0.31 4.39 -3.81
CA ILE A 10 0.78 3.98 -4.61
C ILE A 10 0.61 2.48 -4.85
N HIS A 11 1.18 2.00 -5.92
CA HIS A 11 1.08 0.59 -6.22
C HIS A 11 2.04 -0.19 -5.34
N CYS A 12 1.49 -0.95 -4.42
CA CYS A 12 2.28 -1.81 -3.59
C CYS A 12 2.74 -2.93 -4.47
N GLU A 13 3.97 -3.29 -4.36
CA GLU A 13 4.51 -4.36 -5.16
C GLU A 13 4.59 -5.60 -4.32
N ASN A 14 4.16 -5.45 -3.10
CA ASN A 14 4.22 -6.54 -2.14
C ASN A 14 2.96 -7.40 -2.21
N CYS A 15 1.82 -6.76 -2.38
CA CYS A 15 0.57 -7.52 -2.62
C CYS A 15 -0.05 -7.08 -3.94
N GLY A 16 0.62 -6.14 -4.63
CA GLY A 16 0.12 -5.61 -5.88
C GLY A 16 -1.15 -4.82 -5.71
N ARG A 17 -1.23 -4.10 -4.63
CA ARG A 17 -2.43 -3.40 -4.30
C ARG A 17 -2.16 -1.91 -4.22
N ASP A 18 -3.10 -1.14 -4.66
CA ASP A 18 -3.04 0.31 -4.64
C ASP A 18 -3.39 0.74 -3.25
N VAL A 19 -2.40 1.09 -2.50
CA VAL A 19 -2.57 1.44 -1.11
C VAL A 19 -1.92 2.79 -0.83
N SER A 20 -2.47 3.54 0.12
CA SER A 20 -2.04 4.88 0.47
C SER A 20 -0.52 4.98 0.57
N ALA A 21 0.03 5.82 -0.27
CA ALA A 21 1.46 6.02 -0.47
C ALA A 21 2.18 6.35 0.81
N ASN A 22 1.64 7.28 1.53
CA ASN A 22 2.24 7.79 2.75
C ASN A 22 2.11 6.78 3.91
N ARG A 23 1.25 5.79 3.73
CA ARG A 23 0.97 4.83 4.77
C ARG A 23 1.46 3.43 4.34
N LEU A 24 2.21 3.42 3.23
CA LEU A 24 2.66 2.16 2.63
C LEU A 24 3.58 1.42 3.61
N ALA A 25 4.34 2.17 4.37
CA ALA A 25 5.22 1.63 5.42
C ALA A 25 4.47 0.70 6.41
N ALA A 26 3.45 1.24 7.08
CA ALA A 26 2.66 0.49 8.07
C ALA A 26 1.93 -0.64 7.36
N HIS A 27 1.47 -0.32 6.17
CA HIS A 27 0.83 -1.26 5.30
C HIS A 27 1.75 -2.43 5.07
N LEU A 28 2.99 -2.13 4.76
CA LEU A 28 3.96 -3.14 4.45
C LEU A 28 4.24 -3.99 5.63
N GLN A 29 4.24 -3.40 6.80
CA GLN A 29 4.43 -4.17 8.02
C GLN A 29 3.36 -5.26 8.11
N ARG A 30 2.13 -4.87 7.83
CA ARG A 30 1.02 -5.80 7.87
C ARG A 30 1.00 -6.69 6.62
N CYS A 31 1.34 -6.12 5.50
CA CYS A 31 1.42 -6.79 4.19
C CYS A 31 2.46 -7.92 4.24
N LEU A 32 3.57 -7.66 4.90
CA LEU A 32 4.65 -8.58 4.98
C LEU A 32 4.33 -9.64 6.03
N SER A 33 3.82 -9.20 7.18
CA SER A 33 3.46 -10.12 8.26
C SER A 33 2.35 -11.09 7.81
N ARG A 34 1.40 -10.60 7.03
CA ARG A 34 0.31 -11.41 6.51
C ARG A 34 0.67 -12.01 5.17
N GLY A 35 1.79 -12.71 5.11
CA GLY A 35 2.26 -13.33 3.88
C GLY A 35 1.27 -14.33 3.34
N ALA A 36 0.59 -13.94 2.26
CA ALA A 36 -0.45 -14.73 1.59
C ALA A 36 -1.67 -14.94 2.49
N ARG A 37 -1.74 -14.20 3.58
CA ARG A 37 -2.81 -14.35 4.52
C ARG A 37 -3.91 -13.34 4.31
N ARG A 38 -4.89 -13.75 3.56
CA ARG A 38 -6.06 -12.96 3.29
C ARG A 38 -7.28 -13.80 3.57
ZN ZN B . 0.81 -4.61 0.09
N GLY A 1 -8.99 25.62 3.46
CA GLY A 1 -9.64 24.32 3.44
C GLY A 1 -8.63 23.24 3.27
N LYS A 2 -8.83 22.41 2.28
CA LYS A 2 -7.94 21.32 2.00
C LYS A 2 -6.78 21.81 1.17
N GLN A 3 -5.66 22.05 1.82
CA GLN A 3 -4.44 22.46 1.14
C GLN A 3 -3.92 21.27 0.40
N GLN A 4 -4.06 20.15 1.05
CA GLN A 4 -3.68 18.90 0.54
C GLN A 4 -4.88 17.98 0.72
N GLU A 5 -5.27 17.33 -0.35
CA GLU A 5 -6.45 16.48 -0.35
C GLU A 5 -6.11 15.07 0.10
N SER A 6 -4.87 14.91 0.54
CA SER A 6 -4.34 13.66 1.04
C SER A 6 -4.43 12.58 -0.04
N SER A 7 -3.64 12.77 -1.05
CA SER A 7 -3.63 11.94 -2.21
C SER A 7 -2.45 10.97 -2.13
N GLN A 8 -2.00 10.51 -3.30
CA GLN A 8 -0.85 9.65 -3.49
C GLN A 8 -1.11 8.22 -3.10
N TYR A 9 -1.64 7.47 -4.00
CA TYR A 9 -1.71 6.06 -3.82
C TYR A 9 -0.68 5.47 -4.75
N ILE A 10 0.03 4.54 -4.27
CA ILE A 10 1.07 3.95 -4.99
C ILE A 10 0.84 2.43 -4.98
N HIS A 11 1.32 1.74 -5.97
CA HIS A 11 1.11 0.32 -6.03
C HIS A 11 2.01 -0.40 -5.02
N CYS A 12 1.42 -1.21 -4.21
CA CYS A 12 2.14 -2.11 -3.36
C CYS A 12 2.62 -3.19 -4.26
N GLU A 13 3.86 -3.46 -4.27
CA GLU A 13 4.39 -4.50 -5.13
C GLU A 13 4.43 -5.82 -4.37
N ASN A 14 3.89 -5.76 -3.18
CA ASN A 14 3.81 -6.90 -2.31
C ASN A 14 2.50 -7.63 -2.45
N CYS A 15 1.43 -6.89 -2.65
CA CYS A 15 0.13 -7.53 -2.90
C CYS A 15 -0.56 -6.92 -4.13
N GLY A 16 0.21 -6.12 -4.90
CA GLY A 16 -0.32 -5.49 -6.12
C GLY A 16 -1.51 -4.62 -5.81
N ARG A 17 -1.40 -3.88 -4.76
CA ARG A 17 -2.53 -3.13 -4.27
C ARG A 17 -2.23 -1.64 -4.22
N ASP A 18 -3.19 -0.83 -4.59
CA ASP A 18 -3.05 0.61 -4.66
C ASP A 18 -3.29 1.18 -3.30
N VAL A 19 -2.27 1.57 -2.65
CA VAL A 19 -2.38 2.07 -1.30
C VAL A 19 -1.66 3.41 -1.17
N SER A 20 -2.22 4.30 -0.36
CA SER A 20 -1.63 5.58 -0.01
C SER A 20 -0.17 5.38 0.35
N ALA A 21 0.69 6.21 -0.24
CA ALA A 21 2.14 6.12 -0.01
C ALA A 21 2.45 6.39 1.45
N ASN A 22 1.56 7.12 2.06
CA ASN A 22 1.66 7.45 3.47
C ASN A 22 1.36 6.21 4.33
N ARG A 23 0.38 5.44 3.87
CA ARG A 23 -0.10 4.28 4.61
C ARG A 23 0.69 3.02 4.28
N LEU A 24 1.30 3.00 3.10
CA LEU A 24 1.99 1.82 2.57
C LEU A 24 3.12 1.31 3.50
N ALA A 25 3.65 2.18 4.35
CA ALA A 25 4.71 1.79 5.29
C ALA A 25 4.18 0.78 6.32
N ALA A 26 3.17 1.19 7.09
CA ALA A 26 2.57 0.33 8.12
C ALA A 26 1.87 -0.83 7.45
N HIS A 27 1.35 -0.54 6.27
CA HIS A 27 0.74 -1.55 5.46
C HIS A 27 1.77 -2.62 5.14
N LEU A 28 2.98 -2.22 4.74
CA LEU A 28 4.03 -3.18 4.43
C LEU A 28 4.39 -3.96 5.63
N GLN A 29 4.39 -3.32 6.77
CA GLN A 29 4.70 -4.01 8.00
C GLN A 29 3.72 -5.16 8.21
N ARG A 30 2.44 -4.91 7.94
CA ARG A 30 1.45 -5.95 8.10
C ARG A 30 1.47 -6.90 6.89
N CYS A 31 1.59 -6.33 5.70
CA CYS A 31 1.67 -7.06 4.41
C CYS A 31 2.81 -8.11 4.47
N LEU A 32 3.95 -7.69 5.00
CA LEU A 32 5.10 -8.56 5.13
C LEU A 32 4.94 -9.54 6.29
N SER A 33 4.51 -9.05 7.45
CA SER A 33 4.34 -9.91 8.62
C SER A 33 3.25 -10.98 8.40
N ARG A 34 2.34 -10.71 7.51
CA ARG A 34 1.27 -11.64 7.21
C ARG A 34 1.42 -12.20 5.79
N GLY A 35 2.63 -12.18 5.28
CA GLY A 35 2.91 -12.76 4.00
C GLY A 35 3.16 -14.24 4.14
N ALA A 36 2.36 -15.04 3.49
CA ALA A 36 2.47 -16.48 3.60
C ALA A 36 2.53 -17.12 2.23
N ARG A 37 3.00 -18.36 2.22
CA ARG A 37 3.10 -19.17 1.03
C ARG A 37 2.66 -20.56 1.39
N ARG A 38 2.40 -21.37 0.41
CA ARG A 38 1.99 -22.72 0.63
C ARG A 38 2.62 -23.61 -0.42
ZN ZN B . 0.54 -4.95 0.27
N GLY A 1 -7.77 26.68 -2.41
CA GLY A 1 -6.59 25.88 -2.68
C GLY A 1 -6.96 24.60 -3.36
N LYS A 2 -5.98 23.85 -3.83
CA LYS A 2 -6.25 22.59 -4.49
C LYS A 2 -6.64 21.53 -3.47
N GLN A 3 -6.12 21.68 -2.25
CA GLN A 3 -6.39 20.77 -1.12
C GLN A 3 -6.19 19.33 -1.51
N GLN A 4 -4.94 19.02 -1.85
CA GLN A 4 -4.51 17.73 -2.34
C GLN A 4 -4.94 17.42 -3.76
N GLU A 5 -4.04 16.79 -4.48
CA GLU A 5 -4.27 16.41 -5.86
C GLU A 5 -4.87 15.03 -5.95
N SER A 6 -5.16 14.47 -4.78
CA SER A 6 -5.89 13.21 -4.63
C SER A 6 -5.09 11.97 -5.10
N SER A 7 -3.90 12.18 -5.60
CA SER A 7 -3.05 11.10 -5.98
C SER A 7 -2.17 10.75 -4.80
N GLN A 8 -2.69 9.94 -3.92
CA GLN A 8 -2.01 9.62 -2.70
C GLN A 8 -1.83 8.13 -2.54
N TYR A 9 -2.09 7.40 -3.58
CA TYR A 9 -1.96 5.97 -3.49
C TYR A 9 -0.80 5.55 -4.35
N ILE A 10 -0.16 4.50 -3.95
CA ILE A 10 0.94 4.01 -4.64
C ILE A 10 0.71 2.52 -4.86
N HIS A 11 1.38 1.93 -5.79
CA HIS A 11 1.19 0.53 -6.08
C HIS A 11 2.08 -0.30 -5.19
N CYS A 12 1.49 -1.10 -4.34
CA CYS A 12 2.23 -2.00 -3.53
C CYS A 12 2.73 -3.09 -4.41
N GLU A 13 3.99 -3.35 -4.36
CA GLU A 13 4.63 -4.37 -5.15
C GLU A 13 4.50 -5.67 -4.40
N ASN A 14 4.17 -5.52 -3.15
CA ASN A 14 4.14 -6.61 -2.21
C ASN A 14 2.84 -7.40 -2.25
N CYS A 15 1.77 -6.79 -2.72
CA CYS A 15 0.52 -7.52 -2.92
C CYS A 15 -0.17 -7.08 -4.20
N GLY A 16 0.47 -6.16 -4.93
CA GLY A 16 -0.12 -5.61 -6.14
C GLY A 16 -1.37 -4.83 -5.84
N ARG A 17 -1.32 -4.05 -4.80
CA ARG A 17 -2.49 -3.35 -4.36
C ARG A 17 -2.29 -1.83 -4.36
N ASP A 18 -3.36 -1.08 -4.58
CA ASP A 18 -3.34 0.38 -4.57
C ASP A 18 -3.55 0.80 -3.16
N VAL A 19 -2.54 1.27 -2.56
CA VAL A 19 -2.59 1.64 -1.16
C VAL A 19 -1.99 3.01 -0.95
N SER A 20 -2.59 3.78 -0.04
CA SER A 20 -2.13 5.09 0.35
C SER A 20 -0.60 5.10 0.60
N ALA A 21 0.09 5.94 -0.15
CA ALA A 21 1.54 6.04 -0.15
C ALA A 21 2.09 6.38 1.22
N ASN A 22 1.39 7.25 1.92
CA ASN A 22 1.80 7.69 3.27
C ASN A 22 1.72 6.55 4.29
N ARG A 23 0.93 5.57 3.97
CA ARG A 23 0.67 4.46 4.85
C ARG A 23 1.28 3.17 4.27
N LEU A 24 2.11 3.30 3.24
CA LEU A 24 2.63 2.11 2.55
C LEU A 24 3.58 1.32 3.44
N ALA A 25 4.43 2.00 4.18
CA ALA A 25 5.38 1.32 5.09
C ALA A 25 4.63 0.57 6.20
N ALA A 26 3.61 1.20 6.78
CA ALA A 26 2.81 0.56 7.82
C ALA A 26 2.04 -0.59 7.22
N HIS A 27 1.54 -0.35 6.02
CA HIS A 27 0.88 -1.34 5.25
C HIS A 27 1.83 -2.50 4.98
N LEU A 28 3.06 -2.19 4.67
CA LEU A 28 4.07 -3.19 4.39
C LEU A 28 4.36 -4.00 5.60
N GLN A 29 4.26 -3.38 6.76
CA GLN A 29 4.43 -4.12 7.99
C GLN A 29 3.32 -5.17 8.07
N ARG A 30 2.09 -4.74 7.77
CA ARG A 30 0.93 -5.65 7.76
C ARG A 30 1.08 -6.66 6.62
N CYS A 31 1.50 -6.18 5.48
CA CYS A 31 1.64 -6.94 4.26
C CYS A 31 2.68 -8.06 4.46
N LEU A 32 3.77 -7.73 5.15
CA LEU A 32 4.85 -8.66 5.38
C LEU A 32 4.68 -9.48 6.66
N SER A 33 3.78 -9.05 7.54
CA SER A 33 3.43 -9.86 8.73
C SER A 33 2.51 -11.01 8.32
N ARG A 34 2.13 -10.97 7.07
CA ARG A 34 1.25 -11.93 6.50
C ARG A 34 1.99 -12.72 5.45
N GLY A 35 1.49 -13.88 5.16
CA GLY A 35 2.09 -14.71 4.16
C GLY A 35 1.23 -14.77 2.94
N ALA A 36 1.80 -14.47 1.80
CA ALA A 36 1.05 -14.52 0.56
C ALA A 36 1.05 -15.95 0.05
N ARG A 37 2.16 -16.40 -0.47
CA ARG A 37 2.27 -17.75 -0.95
C ARG A 37 2.82 -18.63 0.15
N ARG A 38 3.58 -18.01 1.01
CA ARG A 38 4.21 -18.67 2.11
C ARG A 38 3.74 -18.02 3.40
ZN ZN B . 0.75 -4.82 0.12
#